data_8YYE
#
_entry.id   8YYE
#
_cell.length_a   48.859
_cell.length_b   148.965
_cell.length_c   58.884
_cell.angle_alpha   90.000
_cell.angle_beta   100.948
_cell.angle_gamma   90.000
#
_symmetry.space_group_name_H-M   'P 1 21 1'
#
loop_
_entity.id
_entity.type
_entity.pdbx_description
1 polymer 'triacylglycerol lipase'
2 non-polymer 'ZINC ION'
3 water water
#
_entity_poly.entity_id   1
_entity_poly.type   'polypeptide(L)'
_entity_poly.pdbx_seq_one_letter_code
;ETSGNDYPIVLVHGLGGWGKGEFLGYRYWGGLKDIEFYLNQTGHRTYVATVGPVSSNWDRAVELYYYIKGGTVDYGAAHA
KEHGHARFGRTYPGIYGQWDETNKIHLIGHSMGGQTSRMLVELLKSGSQKEQEYYSQHPEEGISPLFTGGKNWVHSVTSL
ATPHNGSTFADQEQIVSFIKDFIIHLASAAGQKQESLIYDFKLDQWGLKRQPGESFHAYMNRVMTSPIWQSNDISAYDLT
TFGAQELNQWMKTYPDVYYLSYTGNASYRGVVTGNYYPIGTMHPLFTLISMQMGSYTRQSPAPVIDRSWLPNDGIVNVVS
AKYPFGHPNSPYDGAIKQGVWNSFPVMEGWDHMDFINFIGSNTPGYFSIYGYYNDVANRVHSLPK
;
_entity_poly.pdbx_strand_id   A,B
#
# COMPACT_ATOMS: atom_id res chain seq x y z
N GLY A 4 -13.10 -11.33 -42.42
CA GLY A 4 -12.27 -10.37 -41.72
C GLY A 4 -10.79 -10.64 -41.94
N ASN A 5 -10.10 -11.03 -40.86
CA ASN A 5 -8.67 -11.33 -40.94
C ASN A 5 -8.32 -12.50 -40.04
N ASP A 6 -7.15 -13.08 -40.31
CA ASP A 6 -6.62 -14.21 -39.57
C ASP A 6 -5.38 -13.85 -38.75
N TYR A 7 -5.16 -12.57 -38.49
CA TYR A 7 -3.92 -12.14 -37.84
C TYR A 7 -3.88 -12.58 -36.38
N PRO A 8 -2.78 -13.16 -35.90
CA PRO A 8 -2.69 -13.50 -34.49
C PRO A 8 -2.69 -12.25 -33.61
N ILE A 9 -3.15 -12.43 -32.41
CA ILE A 9 -3.14 -11.40 -31.37
C ILE A 9 -1.83 -11.53 -30.61
N VAL A 10 -1.31 -10.41 -30.12
CA VAL A 10 -0.17 -10.41 -29.21
C VAL A 10 -0.50 -9.52 -28.02
N LEU A 11 -0.43 -10.09 -26.82
CA LEU A 11 -0.81 -9.38 -25.62
C LEU A 11 0.46 -8.77 -25.00
N VAL A 12 0.36 -7.51 -24.60
CA VAL A 12 1.49 -6.76 -24.08
C VAL A 12 1.11 -6.24 -22.70
N HIS A 13 1.70 -6.84 -21.67
CA HIS A 13 1.45 -6.42 -20.30
C HIS A 13 1.94 -4.99 -20.10
N GLY A 14 1.50 -4.37 -19.01
CA GLY A 14 1.90 -3.02 -18.67
C GLY A 14 2.87 -2.98 -17.51
N LEU A 15 2.78 -1.93 -16.70
CA LEU A 15 3.70 -1.75 -15.59
C LEU A 15 3.59 -2.91 -14.60
N GLY A 16 4.75 -3.46 -14.19
CA GLY A 16 4.84 -4.59 -13.30
C GLY A 16 4.68 -5.94 -13.95
N GLY A 17 4.24 -6.00 -15.21
CA GLY A 17 3.88 -7.28 -15.80
C GLY A 17 5.07 -8.25 -15.80
N TRP A 18 4.73 -9.54 -15.76
CA TRP A 18 5.68 -10.64 -15.61
C TRP A 18 5.35 -11.73 -16.61
N GLY A 19 6.37 -12.54 -16.96
CA GLY A 19 6.16 -13.69 -17.82
C GLY A 19 5.79 -14.93 -17.02
N LYS A 20 5.20 -15.93 -17.70
CA LYS A 20 5.00 -17.19 -17.01
C LYS A 20 6.35 -17.86 -16.79
N GLY A 21 6.44 -18.65 -15.75
CA GLY A 21 7.73 -19.06 -15.26
C GLY A 21 8.27 -18.14 -14.20
N GLU A 22 7.60 -17.02 -13.94
CA GLU A 22 7.93 -16.17 -12.82
C GLU A 22 7.07 -16.47 -11.60
N PHE A 23 5.80 -16.85 -11.81
CA PHE A 23 4.92 -17.33 -10.75
C PHE A 23 4.26 -18.61 -11.23
N LEU A 24 4.43 -19.71 -10.50
CA LEU A 24 3.74 -20.93 -10.86
C LEU A 24 2.25 -20.76 -10.56
N GLY A 25 1.42 -20.90 -11.57
CA GLY A 25 -0.02 -20.91 -11.39
C GLY A 25 -0.71 -19.55 -11.38
N TYR A 26 0.02 -18.46 -11.62
CA TYR A 26 -0.56 -17.12 -11.59
C TYR A 26 -0.05 -16.35 -12.81
N ARG A 27 -0.96 -16.10 -13.75
CA ARG A 27 -0.67 -15.44 -15.01
C ARG A 27 -1.08 -13.98 -14.96
N TYR A 28 -0.30 -13.13 -15.61
CA TYR A 28 -0.71 -11.74 -15.76
C TYR A 28 -2.07 -11.62 -16.46
N TRP A 29 -2.29 -12.38 -17.53
CA TRP A 29 -3.54 -12.29 -18.29
C TRP A 29 -4.47 -13.38 -17.83
N GLY A 30 -5.25 -13.11 -16.78
CA GLY A 30 -6.22 -14.05 -16.25
C GLY A 30 -6.08 -14.32 -14.77
N GLY A 31 -4.91 -14.06 -14.18
CA GLY A 31 -4.65 -14.38 -12.78
C GLY A 31 -4.66 -15.88 -12.56
N LEU A 32 -5.73 -16.41 -11.97
CA LEU A 32 -5.92 -17.84 -11.84
C LEU A 32 -6.48 -18.47 -13.11
N LYS A 33 -6.80 -17.67 -14.13
CA LYS A 33 -7.27 -18.16 -15.42
C LYS A 33 -6.19 -17.94 -16.47
N ASP A 34 -6.21 -18.71 -17.58
CA ASP A 34 -5.33 -18.44 -18.73
C ASP A 34 -6.23 -17.87 -19.83
N ILE A 35 -6.16 -16.55 -20.03
CA ILE A 35 -6.90 -15.90 -21.10
C ILE A 35 -6.36 -16.34 -22.46
N GLU A 36 -5.03 -16.32 -22.64
CA GLU A 36 -4.45 -16.71 -23.93
C GLU A 36 -4.82 -18.15 -24.27
N PHE A 37 -4.98 -19.00 -23.26
CA PHE A 37 -5.38 -20.37 -23.55
C PHE A 37 -6.84 -20.42 -23.96
N TYR A 38 -7.66 -19.57 -23.35
CA TYR A 38 -9.07 -19.56 -23.73
C TYR A 38 -9.22 -19.06 -25.16
N LEU A 39 -8.46 -18.02 -25.54
CA LEU A 39 -8.56 -17.47 -26.90
C LEU A 39 -8.08 -18.48 -27.93
N ASN A 40 -6.98 -19.16 -27.67
CA ASN A 40 -6.47 -20.10 -28.65
C ASN A 40 -7.41 -21.30 -28.79
N GLN A 41 -7.95 -21.78 -27.68
CA GLN A 41 -8.90 -22.88 -27.76
C GLN A 41 -10.18 -22.51 -28.51
N THR A 42 -10.61 -21.25 -28.45
CA THR A 42 -11.79 -20.80 -29.16
C THR A 42 -11.47 -20.23 -30.54
N GLY A 43 -10.32 -20.58 -31.11
CA GLY A 43 -10.05 -20.27 -32.50
C GLY A 43 -9.38 -18.94 -32.79
N HIS A 44 -8.78 -18.31 -31.81
CA HIS A 44 -8.03 -17.08 -32.07
C HIS A 44 -6.58 -17.29 -31.65
N ARG A 45 -5.67 -17.39 -32.64
CA ARG A 45 -4.26 -17.59 -32.32
C ARG A 45 -3.76 -16.39 -31.54
N THR A 46 -3.29 -16.65 -30.31
CA THR A 46 -2.89 -15.62 -29.35
C THR A 46 -1.54 -15.91 -28.72
N TYR A 47 -0.67 -14.88 -28.70
CA TYR A 47 0.66 -14.94 -28.10
C TYR A 47 0.78 -13.92 -26.97
N VAL A 48 1.38 -14.36 -25.85
CA VAL A 48 1.69 -13.47 -24.74
C VAL A 48 3.14 -13.02 -24.89
N ALA A 49 3.37 -11.72 -24.98
CA ALA A 49 4.73 -11.22 -25.05
C ALA A 49 5.13 -10.67 -23.69
N THR A 50 6.44 -10.71 -23.41
CA THR A 50 6.97 -10.32 -22.11
C THR A 50 8.15 -9.37 -22.34
N VAL A 51 8.00 -8.14 -21.85
CA VAL A 51 8.99 -7.10 -21.95
C VAL A 51 9.27 -6.61 -20.54
N GLY A 52 10.10 -5.57 -20.41
CA GLY A 52 10.51 -5.12 -19.10
C GLY A 52 9.34 -4.55 -18.30
N PRO A 53 9.18 -5.00 -17.06
CA PRO A 53 8.00 -4.54 -16.28
C PRO A 53 8.05 -3.07 -15.90
N VAL A 54 9.23 -2.45 -15.84
CA VAL A 54 9.39 -1.12 -15.28
C VAL A 54 10.28 -0.21 -16.11
N SER A 55 10.79 -0.69 -17.24
CA SER A 55 11.63 0.21 -18.02
C SER A 55 10.79 1.13 -18.90
N SER A 56 11.47 1.93 -19.73
CA SER A 56 10.80 2.87 -20.59
C SER A 56 10.00 2.16 -21.68
N ASN A 57 8.96 2.85 -22.16
CA ASN A 57 8.23 2.37 -23.35
C ASN A 57 9.19 2.15 -24.52
N TRP A 58 10.19 3.01 -24.70
CA TRP A 58 11.21 2.77 -25.74
C TRP A 58 11.90 1.43 -25.52
N ASP A 59 12.45 1.22 -24.33
CA ASP A 59 13.10 -0.04 -24.02
C ASP A 59 12.16 -1.22 -24.25
N ARG A 60 10.89 -1.09 -23.84
CA ARG A 60 9.90 -2.16 -23.97
C ARG A 60 9.49 -2.40 -25.42
N ALA A 61 9.35 -1.35 -26.22
CA ALA A 61 9.02 -1.53 -27.64
C ALA A 61 10.12 -2.26 -28.40
N VAL A 62 11.38 -1.90 -28.15
CA VAL A 62 12.47 -2.60 -28.83
C VAL A 62 12.50 -4.07 -28.44
N GLU A 63 12.46 -4.35 -27.13
CA GLU A 63 12.35 -5.72 -26.63
C GLU A 63 11.18 -6.46 -27.26
N LEU A 64 10.03 -5.81 -27.36
CA LEU A 64 8.83 -6.47 -27.89
C LEU A 64 9.02 -6.82 -29.37
N TYR A 65 9.72 -5.98 -30.11
CA TYR A 65 10.02 -6.31 -31.49
C TYR A 65 10.79 -7.62 -31.57
N TYR A 66 11.90 -7.73 -30.81
CA TYR A 66 12.74 -8.91 -30.94
C TYR A 66 12.07 -10.13 -30.33
N TYR A 67 11.19 -9.91 -29.33
CA TYR A 67 10.42 -11.01 -28.77
C TYR A 67 9.56 -11.67 -29.84
N ILE A 68 8.85 -10.87 -30.63
CA ILE A 68 8.01 -11.41 -31.72
C ILE A 68 8.88 -11.86 -32.90
N LYS A 69 9.67 -10.94 -33.47
CA LYS A 69 10.41 -11.24 -34.70
C LYS A 69 11.52 -12.26 -34.48
N GLY A 70 12.25 -12.14 -33.39
CA GLY A 70 13.46 -12.92 -33.20
C GLY A 70 14.71 -12.11 -33.46
N GLY A 71 15.74 -12.28 -32.64
CA GLY A 71 17.02 -11.62 -32.78
C GLY A 71 17.51 -11.11 -31.44
N THR A 72 18.53 -10.26 -31.49
CA THR A 72 19.12 -9.71 -30.28
C THR A 72 18.68 -8.26 -30.09
N VAL A 73 18.18 -7.95 -28.89
CA VAL A 73 17.68 -6.61 -28.58
C VAL A 73 18.80 -5.59 -28.77
N ASP A 74 18.50 -4.54 -29.55
CA ASP A 74 19.39 -3.42 -29.82
C ASP A 74 18.59 -2.16 -29.51
N TYR A 75 18.96 -1.46 -28.44
CA TYR A 75 18.19 -0.28 -28.06
C TYR A 75 18.59 0.96 -28.83
N GLY A 76 19.55 0.86 -29.75
CA GLY A 76 20.03 2.04 -30.45
C GLY A 76 21.26 2.62 -29.81
N ALA A 77 22.31 2.86 -30.62
CA ALA A 77 23.56 3.38 -30.07
C ALA A 77 23.36 4.79 -29.55
N ALA A 78 22.60 5.60 -30.27
CA ALA A 78 22.36 6.97 -29.84
C ALA A 78 21.51 7.01 -28.58
N HIS A 79 20.41 6.25 -28.57
CA HIS A 79 19.59 6.17 -27.38
C HIS A 79 20.43 5.70 -26.19
N ALA A 80 21.28 4.69 -26.41
CA ALA A 80 22.02 4.12 -25.29
C ALA A 80 23.06 5.11 -24.77
N LYS A 81 23.67 5.87 -25.67
CA LYS A 81 24.61 6.90 -25.25
C LYS A 81 23.90 8.03 -24.50
N GLU A 82 22.78 8.52 -25.05
CA GLU A 82 22.10 9.66 -24.43
C GLU A 82 21.58 9.33 -23.03
N HIS A 83 21.08 8.11 -22.82
CA HIS A 83 20.46 7.75 -21.54
C HIS A 83 21.38 6.89 -20.67
N GLY A 84 22.51 6.43 -21.19
CA GLY A 84 23.55 5.86 -20.36
C GLY A 84 23.33 4.45 -19.87
N HIS A 85 22.79 3.57 -20.72
CA HIS A 85 22.72 2.15 -20.42
C HIS A 85 23.30 1.38 -21.59
N ALA A 86 23.51 0.08 -21.38
CA ALA A 86 24.02 -0.81 -22.42
C ALA A 86 23.12 -0.81 -23.66
N ARG A 87 23.74 -1.04 -24.82
CA ARG A 87 23.02 -0.97 -26.09
C ARG A 87 22.29 -2.27 -26.40
N PHE A 88 22.88 -3.40 -26.07
CA PHE A 88 22.31 -4.69 -26.44
C PHE A 88 21.72 -5.39 -25.21
N GLY A 89 20.50 -5.92 -25.38
CA GLY A 89 19.86 -6.70 -24.35
C GLY A 89 19.79 -8.19 -24.65
N ARG A 90 18.63 -8.78 -24.38
CA ARG A 90 18.42 -10.22 -24.48
C ARG A 90 18.29 -10.69 -25.95
N THR A 91 18.37 -12.00 -26.14
CA THR A 91 18.28 -12.61 -27.46
C THR A 91 17.09 -13.56 -27.51
N TYR A 92 16.23 -13.39 -28.52
CA TYR A 92 14.98 -14.12 -28.57
C TYR A 92 14.88 -14.96 -29.83
N PRO A 93 14.34 -16.17 -29.76
CA PRO A 93 14.14 -16.94 -30.99
C PRO A 93 12.99 -16.41 -31.83
N GLY A 94 12.04 -15.69 -31.21
CA GLY A 94 10.89 -15.17 -31.92
C GLY A 94 9.69 -16.11 -31.88
N ILE A 95 8.54 -15.59 -31.48
CA ILE A 95 7.30 -16.37 -31.47
C ILE A 95 6.51 -16.22 -32.77
N TYR A 96 6.95 -15.34 -33.67
CA TYR A 96 6.26 -15.15 -34.94
C TYR A 96 7.26 -14.64 -35.98
N GLY A 97 8.22 -15.49 -36.33
CA GLY A 97 9.27 -15.08 -37.25
C GLY A 97 8.79 -14.60 -38.61
N GLN A 98 7.69 -15.15 -39.10
CA GLN A 98 7.21 -14.75 -40.43
C GLN A 98 6.52 -13.40 -40.41
N TRP A 99 6.35 -12.81 -39.23
CA TRP A 99 5.78 -11.48 -39.08
C TRP A 99 6.29 -10.49 -40.12
N ASP A 100 5.41 -10.07 -41.04
CA ASP A 100 5.75 -8.97 -41.96
C ASP A 100 4.52 -8.23 -42.49
N GLU A 101 4.64 -7.66 -43.70
CA GLU A 101 3.56 -6.87 -44.27
C GLU A 101 2.31 -7.70 -44.51
N THR A 102 2.47 -8.97 -44.91
CA THR A 102 1.31 -9.80 -45.13
C THR A 102 0.96 -10.65 -43.91
N ASN A 103 1.97 -11.13 -43.17
CA ASN A 103 1.74 -11.78 -41.88
C ASN A 103 1.70 -10.72 -40.77
N LYS A 104 0.61 -9.94 -40.75
CA LYS A 104 0.38 -8.92 -39.74
C LYS A 104 -0.06 -9.51 -38.40
N ILE A 105 -0.06 -8.67 -37.37
CA ILE A 105 -0.47 -9.05 -36.02
C ILE A 105 -1.33 -7.92 -35.44
N HIS A 106 -2.12 -8.29 -34.45
CA HIS A 106 -2.90 -7.37 -33.63
C HIS A 106 -2.17 -7.14 -32.32
N LEU A 107 -1.92 -5.89 -31.98
CA LEU A 107 -1.33 -5.57 -30.68
C LEU A 107 -2.47 -5.25 -29.72
N ILE A 108 -2.57 -6.01 -28.62
CA ILE A 108 -3.50 -5.71 -27.52
C ILE A 108 -2.69 -5.50 -26.24
N GLY A 109 -2.76 -4.29 -25.69
CA GLY A 109 -1.91 -3.90 -24.59
C GLY A 109 -2.70 -3.32 -23.42
N HIS A 110 -2.45 -3.88 -22.24
CA HIS A 110 -3.09 -3.41 -21.02
C HIS A 110 -2.17 -2.41 -20.34
N SER A 111 -2.75 -1.31 -19.88
CA SER A 111 -1.99 -0.29 -19.13
C SER A 111 -0.83 0.18 -20.00
N MET A 112 0.39 0.23 -19.48
CA MET A 112 1.54 0.73 -20.24
C MET A 112 1.72 -0.01 -21.54
N GLY A 113 1.21 -1.25 -21.62
CA GLY A 113 1.36 -2.02 -22.84
C GLY A 113 0.69 -1.36 -24.03
N GLY A 114 -0.32 -0.52 -23.77
CA GLY A 114 -0.91 0.25 -24.85
C GLY A 114 0.04 1.31 -25.37
N GLN A 115 0.71 2.01 -24.46
CA GLN A 115 1.77 2.92 -24.87
C GLN A 115 2.89 2.19 -25.59
N THR A 116 3.27 1.02 -25.06
CA THR A 116 4.37 0.27 -25.64
C THR A 116 4.01 -0.19 -27.06
N SER A 117 2.76 -0.54 -27.28
CA SER A 117 2.32 -1.00 -28.59
C SER A 117 2.39 0.15 -29.61
N ARG A 118 1.92 1.33 -29.21
CA ARG A 118 1.96 2.51 -30.06
C ARG A 118 3.40 2.87 -30.38
N MET A 119 4.25 2.83 -29.35
CA MET A 119 5.67 3.03 -29.57
C MET A 119 6.19 2.03 -30.60
N LEU A 120 5.79 0.76 -30.48
CA LEU A 120 6.30 -0.25 -31.41
C LEU A 120 5.87 0.08 -32.84
N VAL A 121 4.59 0.40 -33.03
CA VAL A 121 4.11 0.75 -34.36
C VAL A 121 4.89 1.93 -34.92
N GLU A 122 5.14 2.93 -34.07
CA GLU A 122 5.94 4.08 -34.49
C GLU A 122 7.31 3.64 -35.02
N LEU A 123 8.07 2.92 -34.19
CA LEU A 123 9.38 2.41 -34.60
C LEU A 123 9.28 1.57 -35.87
N LEU A 124 8.24 0.73 -35.99
CA LEU A 124 8.11 -0.07 -37.19
C LEU A 124 7.88 0.81 -38.41
N LYS A 125 6.95 1.77 -38.29
CA LYS A 125 6.53 2.59 -39.43
C LYS A 125 7.61 3.59 -39.85
N SER A 126 8.13 4.36 -38.89
CA SER A 126 9.01 5.47 -39.20
C SER A 126 10.43 5.25 -38.75
N GLY A 127 10.75 4.09 -38.18
CA GLY A 127 12.09 3.90 -37.69
C GLY A 127 12.41 4.92 -36.62
N SER A 128 13.69 5.29 -36.54
CA SER A 128 14.15 6.30 -35.60
C SER A 128 15.13 7.22 -36.33
N GLN A 129 14.74 8.47 -36.51
CA GLN A 129 15.63 9.40 -37.19
C GLN A 129 16.93 9.55 -36.41
N LYS A 130 16.82 9.64 -35.08
CA LYS A 130 17.99 9.84 -34.23
C LYS A 130 19.03 8.75 -34.47
N GLU A 131 18.59 7.49 -34.57
CA GLU A 131 19.53 6.38 -34.74
C GLU A 131 20.08 6.33 -36.16
N GLN A 132 19.27 6.75 -37.14
CA GLN A 132 19.75 6.83 -38.51
C GLN A 132 20.87 7.85 -38.62
N GLU A 133 20.66 9.07 -38.10
CA GLU A 133 21.73 10.06 -38.09
C GLU A 133 22.96 9.56 -37.35
N TYR A 134 22.79 8.91 -36.20
CA TYR A 134 23.95 8.37 -35.49
C TYR A 134 24.68 7.35 -36.35
N TYR A 135 23.94 6.58 -37.15
CA TYR A 135 24.59 5.65 -38.05
C TYR A 135 25.39 6.40 -39.10
N SER A 136 24.82 7.46 -39.65
CA SER A 136 25.50 8.24 -40.67
C SER A 136 26.80 8.81 -40.12
N GLN A 137 26.75 9.40 -38.93
CA GLN A 137 27.96 9.95 -38.32
C GLN A 137 28.93 8.86 -37.89
N HIS A 138 28.42 7.68 -37.53
CA HIS A 138 29.27 6.57 -37.08
C HIS A 138 28.82 5.29 -37.76
N PRO A 139 29.14 5.11 -39.04
CA PRO A 139 28.80 3.83 -39.70
C PRO A 139 29.40 2.63 -39.00
N GLU A 140 30.45 2.85 -38.19
CA GLU A 140 31.10 1.75 -37.48
C GLU A 140 30.16 1.06 -36.50
N GLU A 141 29.13 1.78 -36.01
CA GLU A 141 28.25 1.23 -34.98
C GLU A 141 27.23 0.26 -35.55
N GLY A 142 26.80 0.48 -36.80
CA GLY A 142 25.73 -0.30 -37.36
C GLY A 142 24.36 0.27 -37.04
N ILE A 143 23.34 -0.36 -37.60
CA ILE A 143 21.96 -0.05 -37.28
C ILE A 143 21.13 -1.30 -37.49
N SER A 144 20.16 -1.44 -36.71
CA SER A 144 19.24 -2.56 -36.73
C SER A 144 18.09 -2.28 -37.69
N PRO A 145 17.59 -3.31 -38.36
CA PRO A 145 16.46 -3.09 -39.29
C PRO A 145 15.27 -2.38 -38.68
N LEU A 146 15.01 -2.57 -37.38
CA LEU A 146 13.84 -1.97 -36.73
C LEU A 146 13.89 -0.44 -36.81
N PHE A 147 15.09 0.13 -36.92
CA PHE A 147 15.18 1.58 -36.90
C PHE A 147 15.21 2.20 -38.29
N THR A 148 15.13 1.41 -39.37
CA THR A 148 15.25 2.02 -40.70
C THR A 148 13.89 2.49 -41.20
N GLY A 149 12.80 1.94 -40.67
CA GLY A 149 11.47 2.38 -41.01
C GLY A 149 10.87 1.52 -42.09
N GLY A 150 9.61 1.83 -42.40
CA GLY A 150 8.96 1.30 -43.57
C GLY A 150 8.31 -0.04 -43.42
N LYS A 151 7.98 -0.46 -42.18
CA LYS A 151 7.36 -1.76 -41.94
C LYS A 151 5.90 -1.53 -41.52
N ASN A 152 4.98 -2.04 -42.33
CA ASN A 152 3.55 -2.01 -42.04
C ASN A 152 3.12 -3.41 -41.61
N TRP A 153 3.51 -3.76 -40.37
CA TRP A 153 3.32 -5.11 -39.86
C TRP A 153 2.23 -5.23 -38.77
N VAL A 154 1.65 -4.12 -38.31
CA VAL A 154 0.65 -4.14 -37.24
C VAL A 154 -0.69 -3.69 -37.80
N HIS A 155 -1.63 -4.63 -37.90
CA HIS A 155 -2.96 -4.30 -38.40
C HIS A 155 -3.72 -3.39 -37.44
N SER A 156 -3.73 -3.72 -36.14
CA SER A 156 -4.46 -2.92 -35.18
C SER A 156 -3.69 -2.82 -33.88
N VAL A 157 -4.01 -1.78 -33.11
CA VAL A 157 -3.53 -1.61 -31.75
C VAL A 157 -4.76 -1.35 -30.88
N THR A 158 -4.89 -2.13 -29.80
CA THR A 158 -6.01 -2.01 -28.87
C THR A 158 -5.48 -1.77 -27.47
N SER A 159 -5.82 -0.63 -26.88
CA SER A 159 -5.39 -0.31 -25.54
C SER A 159 -6.52 -0.52 -24.51
N LEU A 160 -6.15 -1.05 -23.35
CA LEU A 160 -7.09 -1.37 -22.29
C LEU A 160 -6.63 -0.63 -21.04
N ALA A 161 -7.34 0.43 -20.66
CA ALA A 161 -6.98 1.22 -19.49
C ALA A 161 -5.53 1.71 -19.59
N THR A 162 -5.16 2.14 -20.78
CA THR A 162 -3.83 2.65 -21.06
C THR A 162 -3.76 4.15 -20.76
N PRO A 163 -2.80 4.60 -19.95
CA PRO A 163 -2.65 6.06 -19.72
C PRO A 163 -1.99 6.75 -20.90
N HIS A 164 -2.78 6.98 -21.96
CA HIS A 164 -2.27 7.69 -23.14
C HIS A 164 -1.79 9.08 -22.79
N ASN A 165 -2.50 9.76 -21.89
CA ASN A 165 -2.12 11.09 -21.46
C ASN A 165 -1.51 11.09 -20.06
N GLY A 166 -1.03 9.93 -19.60
CA GLY A 166 -0.39 9.85 -18.30
C GLY A 166 -1.37 9.70 -17.15
N SER A 167 -0.79 9.53 -15.96
CA SER A 167 -1.52 9.34 -14.72
C SER A 167 -1.15 10.43 -13.73
N THR A 168 -2.15 11.04 -13.10
CA THR A 168 -1.88 12.04 -12.09
C THR A 168 -1.33 11.43 -10.80
N PHE A 169 -1.46 10.12 -10.63
CA PHE A 169 -0.67 9.45 -9.60
C PHE A 169 0.82 9.52 -9.93
N ALA A 170 1.20 9.04 -11.12
CA ALA A 170 2.61 9.10 -11.53
C ALA A 170 3.18 10.50 -11.32
N ASP A 171 2.36 11.53 -11.51
CA ASP A 171 2.80 12.89 -11.27
C ASP A 171 3.30 13.11 -9.83
N GLN A 172 2.79 12.37 -8.84
CA GLN A 172 3.21 12.54 -7.44
C GLN A 172 4.55 11.88 -7.14
N GLU A 173 5.18 11.22 -8.13
CA GLU A 173 6.54 10.69 -8.01
C GLU A 173 6.69 9.65 -6.91
N GLN A 174 5.71 8.73 -6.79
CA GLN A 174 5.74 7.69 -5.76
C GLN A 174 5.67 6.29 -6.36
N ILE A 175 6.21 6.13 -7.57
CA ILE A 175 6.09 4.88 -8.30
C ILE A 175 7.11 3.85 -7.82
N VAL A 176 8.30 4.28 -7.36
CA VAL A 176 9.16 3.39 -6.58
C VAL A 176 8.37 2.79 -5.43
N SER A 177 7.68 3.65 -4.67
CA SER A 177 6.83 3.15 -3.59
C SER A 177 5.72 2.26 -4.13
N PHE A 178 5.06 2.66 -5.23
CA PHE A 178 3.94 1.88 -5.73
C PHE A 178 4.37 0.47 -6.12
N ILE A 179 5.56 0.33 -6.73
CA ILE A 179 6.00 -0.94 -7.28
C ILE A 179 6.42 -1.91 -6.17
N LYS A 180 7.08 -1.38 -5.14
CA LYS A 180 7.28 -2.16 -3.91
C LYS A 180 5.95 -2.68 -3.36
N ASP A 181 4.99 -1.79 -3.20
CA ASP A 181 3.69 -2.26 -2.75
C ASP A 181 3.11 -3.29 -3.70
N PHE A 182 3.19 -3.03 -5.01
CA PHE A 182 2.69 -3.95 -6.01
C PHE A 182 3.29 -5.34 -5.83
N ILE A 183 4.61 -5.40 -5.63
CA ILE A 183 5.32 -6.67 -5.49
C ILE A 183 4.84 -7.42 -4.24
N ILE A 184 4.61 -6.69 -3.15
CA ILE A 184 3.91 -7.29 -2.00
C ILE A 184 2.60 -7.93 -2.46
N HIS A 185 1.70 -7.11 -3.04
CA HIS A 185 0.37 -7.60 -3.38
C HIS A 185 0.41 -8.73 -4.40
N LEU A 186 1.37 -8.67 -5.33
CA LEU A 186 1.45 -9.68 -6.38
C LEU A 186 1.91 -11.03 -5.82
N ALA A 187 2.96 -11.04 -5.01
CA ALA A 187 3.37 -12.29 -4.39
C ALA A 187 2.26 -12.87 -3.49
N SER A 188 1.59 -12.01 -2.74
CA SER A 188 0.46 -12.45 -1.92
C SER A 188 -0.61 -13.12 -2.76
N ALA A 189 -1.00 -12.49 -3.88
CA ALA A 189 -2.08 -13.04 -4.69
C ALA A 189 -1.67 -14.34 -5.37
N ALA A 190 -0.38 -14.52 -5.64
CA ALA A 190 0.14 -15.75 -6.19
C ALA A 190 0.36 -16.82 -5.14
N GLY A 191 0.08 -16.52 -3.87
CA GLY A 191 0.33 -17.48 -2.81
C GLY A 191 1.78 -17.91 -2.70
N GLN A 192 2.72 -16.99 -2.93
CA GLN A 192 4.15 -17.31 -2.98
C GLN A 192 4.93 -16.49 -1.95
N LYS A 193 5.95 -17.13 -1.38
CA LYS A 193 6.76 -16.49 -0.34
C LYS A 193 7.75 -15.48 -0.93
N GLN A 194 7.80 -14.29 -0.30
CA GLN A 194 8.73 -13.24 -0.72
C GLN A 194 10.15 -13.76 -0.84
N GLU A 195 10.52 -14.72 0.00
CA GLU A 195 11.90 -15.16 0.06
C GLU A 195 12.25 -16.03 -1.15
N SER A 196 11.25 -16.63 -1.79
CA SER A 196 11.48 -17.53 -2.91
C SER A 196 11.12 -16.92 -4.25
N LEU A 197 10.84 -15.61 -4.29
CA LEU A 197 10.50 -14.93 -5.52
C LEU A 197 11.67 -14.91 -6.50
N ILE A 198 11.38 -15.26 -7.75
CA ILE A 198 12.34 -15.11 -8.84
C ILE A 198 11.82 -14.06 -9.82
N TYR A 199 11.00 -13.14 -9.33
CA TYR A 199 10.53 -12.02 -10.15
C TYR A 199 11.73 -11.26 -10.72
N ASP A 200 11.70 -11.00 -12.03
CA ASP A 200 12.82 -10.49 -12.81
C ASP A 200 12.54 -9.07 -13.27
N PHE A 201 13.29 -8.10 -12.76
CA PHE A 201 12.99 -6.72 -13.15
C PHE A 201 13.46 -6.38 -14.56
N LYS A 202 14.24 -7.24 -15.20
CA LYS A 202 14.68 -7.09 -16.59
C LYS A 202 15.39 -5.75 -16.81
N LEU A 203 16.21 -5.35 -15.84
CA LEU A 203 16.98 -4.12 -15.94
C LEU A 203 18.44 -4.41 -16.24
N ASP A 204 18.67 -5.45 -17.06
CA ASP A 204 20.05 -5.85 -17.39
C ASP A 204 20.83 -4.70 -17.98
N GLN A 205 20.18 -3.88 -18.81
CA GLN A 205 20.90 -2.85 -19.54
C GLN A 205 21.52 -1.83 -18.59
N TRP A 206 20.91 -1.61 -17.42
CA TRP A 206 21.41 -0.73 -16.38
C TRP A 206 22.35 -1.46 -15.43
N GLY A 207 22.79 -2.66 -15.78
CA GLY A 207 23.68 -3.41 -14.90
C GLY A 207 23.03 -3.85 -13.61
N LEU A 208 21.72 -4.11 -13.63
CA LEU A 208 20.96 -4.52 -12.45
C LEU A 208 20.44 -5.94 -12.65
N LYS A 209 21.34 -6.89 -12.80
CA LYS A 209 20.97 -8.30 -12.81
C LYS A 209 21.06 -8.88 -11.40
N ARG A 210 20.22 -9.87 -11.13
CA ARG A 210 20.30 -10.57 -9.86
C ARG A 210 21.62 -11.33 -9.81
N GLN A 211 22.40 -11.10 -8.76
CA GLN A 211 23.69 -11.74 -8.60
C GLN A 211 23.51 -13.18 -8.12
N PRO A 212 24.48 -14.05 -8.43
CA PRO A 212 24.35 -15.46 -8.01
C PRO A 212 24.29 -15.60 -6.50
N GLY A 213 23.33 -16.40 -6.04
CA GLY A 213 23.03 -16.55 -4.65
C GLY A 213 22.53 -15.31 -3.94
N GLU A 214 22.18 -14.25 -4.66
CA GLU A 214 21.72 -13.04 -3.99
C GLU A 214 20.28 -13.20 -3.54
N SER A 215 19.96 -12.75 -2.34
CA SER A 215 18.57 -12.88 -1.90
C SER A 215 17.67 -11.99 -2.76
N PHE A 216 16.39 -12.37 -2.85
CA PHE A 216 15.48 -11.52 -3.61
C PHE A 216 15.38 -10.13 -3.01
N HIS A 217 15.28 -10.02 -1.69
CA HIS A 217 15.03 -8.70 -1.10
C HIS A 217 16.23 -7.78 -1.30
N ALA A 218 17.46 -8.32 -1.26
CA ALA A 218 18.64 -7.49 -1.47
C ALA A 218 18.75 -7.08 -2.93
N TYR A 219 18.38 -7.96 -3.85
CA TYR A 219 18.36 -7.61 -5.27
C TYR A 219 17.33 -6.52 -5.54
N MET A 220 16.09 -6.73 -5.08
CA MET A 220 15.05 -5.73 -5.30
C MET A 220 15.47 -4.37 -4.75
N ASN A 221 16.03 -4.35 -3.56
CA ASN A 221 16.46 -3.08 -2.98
C ASN A 221 17.50 -2.41 -3.86
N ARG A 222 18.36 -3.19 -4.48
CA ARG A 222 19.34 -2.64 -5.41
C ARG A 222 18.62 -1.96 -6.59
N VAL A 223 17.56 -2.59 -7.08
CA VAL A 223 16.75 -2.00 -8.15
C VAL A 223 16.02 -0.75 -7.65
N MET A 224 15.33 -0.84 -6.51
CA MET A 224 14.46 0.26 -6.11
C MET A 224 15.23 1.51 -5.64
N THR A 225 16.51 1.37 -5.26
CA THR A 225 17.34 2.53 -4.92
C THR A 225 18.15 3.05 -6.11
N SER A 226 18.11 2.36 -7.25
CA SER A 226 18.83 2.80 -8.42
C SER A 226 18.38 4.19 -8.83
N PRO A 227 19.29 5.04 -9.32
CA PRO A 227 18.89 6.38 -9.77
C PRO A 227 18.18 6.40 -11.11
N ILE A 228 18.06 5.26 -11.79
CA ILE A 228 17.25 5.20 -13.00
C ILE A 228 15.84 5.70 -12.77
N TRP A 229 15.31 5.56 -11.55
CA TRP A 229 13.95 5.99 -11.24
C TRP A 229 13.77 7.50 -11.28
N GLN A 230 14.84 8.28 -11.39
CA GLN A 230 14.72 9.71 -11.52
C GLN A 230 15.09 10.19 -12.92
N SER A 231 15.22 9.29 -13.87
CA SER A 231 15.67 9.62 -15.20
C SER A 231 14.48 9.76 -16.15
N ASN A 232 14.76 9.79 -17.45
CA ASN A 232 13.77 9.78 -18.53
C ASN A 232 13.55 8.40 -19.09
N ASP A 233 14.55 7.54 -19.01
CA ASP A 233 14.50 6.23 -19.62
C ASP A 233 13.88 5.20 -18.69
N ILE A 234 12.69 5.49 -18.13
CA ILE A 234 12.08 4.66 -17.10
C ILE A 234 10.56 4.83 -17.14
N SER A 235 9.83 3.73 -16.86
CA SER A 235 8.37 3.76 -16.77
C SER A 235 7.85 4.94 -15.98
N ALA A 236 8.40 5.19 -14.77
CA ALA A 236 7.96 6.32 -13.95
C ALA A 236 7.87 7.59 -14.76
N TYR A 237 8.92 7.90 -15.52
CA TYR A 237 8.90 9.10 -16.35
C TYR A 237 7.76 9.03 -17.38
N ASP A 238 7.70 7.94 -18.16
CA ASP A 238 6.69 7.85 -19.21
C ASP A 238 5.26 7.90 -18.68
N LEU A 239 5.05 7.60 -17.40
CA LEU A 239 3.68 7.53 -16.90
C LEU A 239 3.15 8.88 -16.44
N THR A 240 4.02 9.88 -16.27
CA THR A 240 3.55 11.19 -15.87
C THR A 240 2.79 11.85 -17.01
N THR A 241 1.99 12.87 -16.64
CA THR A 241 1.16 13.55 -17.63
C THR A 241 2.03 14.39 -18.56
N PHE A 242 3.09 15.00 -18.03
CA PHE A 242 4.04 15.69 -18.89
C PHE A 242 4.74 14.69 -19.80
N GLY A 243 5.25 13.61 -19.22
CA GLY A 243 6.00 12.63 -19.99
C GLY A 243 5.17 11.95 -21.08
N ALA A 244 3.91 11.63 -20.74
CA ALA A 244 3.03 10.99 -21.71
C ALA A 244 2.61 11.96 -22.81
N GLN A 245 2.36 13.22 -22.45
CA GLN A 245 2.07 14.23 -23.45
C GLN A 245 3.24 14.40 -24.40
N GLU A 246 4.45 14.40 -23.84
CA GLU A 246 5.66 14.50 -24.63
C GLU A 246 5.78 13.33 -25.61
N LEU A 247 5.41 12.12 -25.18
CA LEU A 247 5.45 10.96 -26.06
C LEU A 247 4.40 11.05 -27.16
N ASN A 248 3.21 11.57 -26.84
CA ASN A 248 2.14 11.72 -27.82
C ASN A 248 2.55 12.60 -29.00
N GLN A 249 3.56 13.45 -28.82
CA GLN A 249 3.97 14.37 -29.85
C GLN A 249 4.66 13.66 -31.00
N TRP A 250 5.24 12.49 -30.76
CA TRP A 250 5.91 11.80 -31.85
C TRP A 250 5.53 10.32 -32.02
N MET A 251 4.90 9.69 -31.06
CA MET A 251 4.29 8.38 -31.33
C MET A 251 3.02 8.62 -32.15
N LYS A 252 3.14 8.58 -33.48
CA LYS A 252 2.03 8.98 -34.35
C LYS A 252 0.90 7.96 -34.32
N THR A 253 -0.30 8.45 -34.63
CA THR A 253 -1.46 7.60 -34.92
C THR A 253 -1.57 7.49 -36.44
N TYR A 254 -1.34 6.29 -36.98
CA TYR A 254 -1.15 6.16 -38.42
C TYR A 254 -2.48 5.94 -39.14
N PRO A 255 -2.62 6.48 -40.36
CA PRO A 255 -3.91 6.42 -41.04
C PRO A 255 -4.30 5.04 -41.53
N ASP A 256 -3.33 4.14 -41.72
CA ASP A 256 -3.61 2.78 -42.18
C ASP A 256 -3.61 1.76 -41.04
N VAL A 257 -3.77 2.20 -39.79
CA VAL A 257 -3.81 1.29 -38.65
C VAL A 257 -5.12 1.49 -37.91
N TYR A 258 -5.66 0.39 -37.40
CA TYR A 258 -6.87 0.39 -36.58
C TYR A 258 -6.48 0.61 -35.11
N TYR A 259 -7.03 1.65 -34.51
CA TYR A 259 -6.81 1.90 -33.08
C TYR A 259 -8.12 1.81 -32.33
N LEU A 260 -8.13 1.00 -31.26
CA LEU A 260 -9.30 0.80 -30.40
C LEU A 260 -8.86 1.09 -28.98
N SER A 261 -9.65 1.88 -28.24
CA SER A 261 -9.38 2.10 -26.84
C SER A 261 -10.55 1.67 -25.96
N TYR A 262 -10.23 1.07 -24.81
CA TYR A 262 -11.21 0.71 -23.80
C TYR A 262 -10.84 1.43 -22.52
N THR A 263 -11.81 2.08 -21.88
CA THR A 263 -11.58 2.82 -20.65
C THR A 263 -12.50 2.29 -19.55
N GLY A 264 -11.98 2.24 -18.32
CA GLY A 264 -12.77 1.89 -17.16
C GLY A 264 -12.95 3.06 -16.21
N ASN A 265 -14.03 3.02 -15.44
CA ASN A 265 -14.25 3.94 -14.33
C ASN A 265 -14.65 3.15 -13.10
N ALA A 266 -13.99 3.42 -11.97
CA ALA A 266 -14.35 2.78 -10.71
C ALA A 266 -14.41 3.82 -9.60
N SER A 267 -14.82 5.03 -9.96
CA SER A 267 -14.91 6.16 -9.05
C SER A 267 -16.26 6.84 -9.23
N TYR A 268 -16.74 7.48 -8.17
CA TYR A 268 -18.06 8.10 -8.15
C TYR A 268 -17.94 9.49 -7.57
N ARG A 269 -18.74 10.41 -8.09
CA ARG A 269 -18.68 11.78 -7.62
C ARG A 269 -19.32 11.91 -6.24
N GLY A 270 -18.60 12.60 -5.33
CA GLY A 270 -19.18 12.97 -4.07
C GLY A 270 -20.11 14.15 -4.28
N VAL A 271 -21.28 14.11 -3.65
CA VAL A 271 -22.29 15.12 -3.94
C VAL A 271 -21.87 16.48 -3.39
N VAL A 272 -21.14 16.51 -2.27
CA VAL A 272 -20.76 17.78 -1.67
C VAL A 272 -19.41 18.27 -2.20
N THR A 273 -18.34 17.52 -1.95
CA THR A 273 -17.01 17.97 -2.35
C THR A 273 -16.86 18.03 -3.86
N GLY A 274 -17.69 17.31 -4.59
CA GLY A 274 -17.45 17.16 -6.02
C GLY A 274 -16.23 16.34 -6.35
N ASN A 275 -15.57 15.76 -5.35
CA ASN A 275 -14.42 14.91 -5.60
C ASN A 275 -14.90 13.50 -5.94
N TYR A 276 -13.98 12.69 -6.44
CA TYR A 276 -14.27 11.31 -6.81
C TYR A 276 -13.58 10.35 -5.84
N TYR A 277 -14.35 9.34 -5.41
CA TYR A 277 -14.03 8.33 -4.43
C TYR A 277 -14.11 6.96 -5.09
N PRO A 278 -13.25 6.02 -4.70
CA PRO A 278 -13.30 4.68 -5.30
C PRO A 278 -14.54 3.91 -4.84
N ILE A 279 -15.08 3.08 -5.73
CA ILE A 279 -16.19 2.19 -5.39
C ILE A 279 -15.67 1.02 -4.55
N GLY A 280 -16.61 0.27 -3.97
CA GLY A 280 -16.25 -0.77 -3.02
C GLY A 280 -15.56 -1.98 -3.62
N THR A 281 -15.81 -2.27 -4.88
CA THR A 281 -15.18 -3.43 -5.53
C THR A 281 -13.70 -3.21 -5.85
N MET A 282 -13.16 -2.03 -5.59
CA MET A 282 -11.79 -1.75 -6.00
C MET A 282 -10.80 -2.53 -5.14
N HIS A 283 -9.70 -2.97 -5.77
CA HIS A 283 -8.63 -3.63 -5.03
C HIS A 283 -8.07 -2.66 -3.99
N PRO A 284 -7.67 -3.14 -2.81
CA PRO A 284 -7.12 -2.22 -1.80
C PRO A 284 -5.81 -1.57 -2.19
N LEU A 285 -5.07 -2.15 -3.14
CA LEU A 285 -3.81 -1.54 -3.59
C LEU A 285 -4.04 -0.17 -4.22
N PHE A 286 -5.24 0.08 -4.76
CA PHE A 286 -5.53 1.33 -5.45
C PHE A 286 -6.47 2.25 -4.70
N THR A 287 -7.03 1.83 -3.56
CA THR A 287 -8.02 2.64 -2.82
C THR A 287 -7.54 4.07 -2.60
N LEU A 288 -6.37 4.21 -1.98
CA LEU A 288 -5.87 5.54 -1.62
C LEU A 288 -5.38 6.29 -2.84
N ILE A 289 -4.65 5.62 -3.76
CA ILE A 289 -4.29 6.25 -5.02
C ILE A 289 -5.52 6.85 -5.69
N SER A 290 -6.62 6.09 -5.73
CA SER A 290 -7.83 6.60 -6.37
C SER A 290 -8.34 7.83 -5.63
N MET A 291 -8.24 7.84 -4.30
CA MET A 291 -8.68 8.99 -3.51
C MET A 291 -7.85 10.23 -3.83
N GLN A 292 -6.52 10.11 -3.92
CA GLN A 292 -5.76 11.31 -4.26
C GLN A 292 -6.02 11.73 -5.70
N MET A 293 -6.14 10.77 -6.63
CA MET A 293 -6.46 11.12 -8.01
C MET A 293 -7.84 11.76 -8.11
N GLY A 294 -8.80 11.22 -7.35
CA GLY A 294 -10.15 11.79 -7.33
C GLY A 294 -10.22 13.20 -6.77
N SER A 295 -9.18 13.67 -6.10
CA SER A 295 -9.24 15.00 -5.51
C SER A 295 -8.13 15.92 -6.02
N TYR A 296 -7.36 15.48 -7.02
CA TYR A 296 -6.17 16.18 -7.49
C TYR A 296 -6.46 16.96 -8.78
N THR A 297 -6.26 18.28 -8.71
CA THR A 297 -6.25 19.18 -9.86
C THR A 297 -5.01 20.04 -9.75
N ARG A 298 -4.50 20.47 -10.90
CA ARG A 298 -3.21 21.15 -10.98
C ARG A 298 -3.25 22.24 -12.04
N GLN A 299 -3.13 23.50 -11.61
CA GLN A 299 -3.04 24.61 -12.54
C GLN A 299 -1.65 24.68 -13.17
N SER A 300 -0.61 24.47 -12.39
CA SER A 300 0.78 24.65 -12.81
C SER A 300 1.69 23.75 -12.00
N PRO A 301 2.83 23.28 -12.57
CA PRO A 301 3.25 23.38 -13.97
C PRO A 301 2.36 22.62 -14.94
N ALA A 302 2.67 22.81 -16.23
CA ALA A 302 1.92 22.17 -17.29
C ALA A 302 2.21 20.68 -17.32
N PRO A 303 1.25 19.85 -17.76
CA PRO A 303 -0.07 20.19 -18.33
C PRO A 303 -1.12 20.46 -17.27
N VAL A 304 -2.13 21.24 -17.64
CA VAL A 304 -3.14 21.66 -16.67
C VAL A 304 -4.05 20.48 -16.35
N ILE A 305 -4.22 20.20 -15.07
CA ILE A 305 -5.11 19.13 -14.64
C ILE A 305 -6.36 19.80 -14.08
N ASP A 306 -7.45 19.81 -14.87
CA ASP A 306 -8.74 20.34 -14.42
C ASP A 306 -9.64 19.21 -13.90
N ARG A 307 -10.91 19.53 -13.66
CA ARG A 307 -11.76 18.57 -12.96
C ARG A 307 -12.15 17.37 -13.82
N SER A 308 -11.99 17.46 -15.15
CA SER A 308 -12.25 16.30 -15.99
C SER A 308 -11.33 15.12 -15.68
N TRP A 309 -10.24 15.36 -14.94
CA TRP A 309 -9.28 14.32 -14.61
C TRP A 309 -9.65 13.53 -13.35
N LEU A 310 -10.62 14.00 -12.56
CA LEU A 310 -10.95 13.33 -11.30
C LEU A 310 -11.43 11.88 -11.45
N PRO A 311 -12.26 11.52 -12.44
CA PRO A 311 -12.67 10.11 -12.53
C PRO A 311 -11.50 9.24 -12.97
N ASN A 312 -11.44 8.02 -12.43
CA ASN A 312 -10.30 7.13 -12.63
C ASN A 312 -10.72 5.67 -12.41
N ASP A 313 -9.86 4.76 -12.86
CA ASP A 313 -10.07 3.32 -12.69
C ASP A 313 -9.28 2.74 -11.52
N GLY A 314 -8.71 3.60 -10.66
CA GLY A 314 -7.76 3.19 -9.64
C GLY A 314 -6.36 3.79 -9.82
N ILE A 315 -5.90 3.90 -11.07
CA ILE A 315 -4.54 4.39 -11.30
C ILE A 315 -4.44 5.12 -12.64
N VAL A 316 -5.47 5.02 -13.47
CA VAL A 316 -5.48 5.73 -14.73
C VAL A 316 -6.77 6.56 -14.79
N ASN A 317 -6.61 7.86 -15.02
CA ASN A 317 -7.74 8.76 -15.22
C ASN A 317 -8.48 8.41 -16.50
N VAL A 318 -9.81 8.57 -16.46
CA VAL A 318 -10.66 8.24 -17.60
C VAL A 318 -10.30 9.08 -18.82
N VAL A 319 -10.14 10.38 -18.62
CA VAL A 319 -9.83 11.30 -19.72
C VAL A 319 -8.50 10.98 -20.34
N SER A 320 -7.65 10.21 -19.65
CA SER A 320 -6.35 9.84 -20.16
C SER A 320 -6.43 8.58 -21.00
N ALA A 321 -7.37 7.68 -20.69
CA ALA A 321 -7.41 6.37 -21.32
C ALA A 321 -8.21 6.34 -22.62
N LYS A 322 -8.94 7.40 -22.96
CA LYS A 322 -9.83 7.35 -24.12
C LYS A 322 -9.07 7.46 -25.42
N TYR A 323 -8.13 8.41 -25.51
CA TYR A 323 -7.30 8.60 -26.68
C TYR A 323 -6.14 9.52 -26.31
N PRO A 324 -5.04 9.47 -27.06
CA PRO A 324 -4.00 10.48 -26.87
C PRO A 324 -4.48 11.84 -27.34
N PHE A 325 -4.28 12.86 -26.50
CA PHE A 325 -4.70 14.19 -26.90
C PHE A 325 -4.01 14.58 -28.20
N GLY A 326 -4.73 15.31 -29.04
CA GLY A 326 -4.21 15.74 -30.31
C GLY A 326 -4.34 14.74 -31.43
N HIS A 327 -4.65 13.48 -31.11
CA HIS A 327 -4.71 12.42 -32.12
C HIS A 327 -6.14 12.22 -32.64
N PRO A 328 -6.29 11.77 -33.89
CA PRO A 328 -7.63 11.52 -34.43
C PRO A 328 -8.38 10.51 -33.57
N ASN A 329 -9.67 10.75 -33.40
CA ASN A 329 -10.46 9.90 -32.52
C ASN A 329 -11.94 10.07 -32.81
N SER A 330 -12.68 8.98 -32.69
CA SER A 330 -14.13 9.00 -32.77
C SER A 330 -14.72 8.09 -31.69
N PRO A 331 -15.70 8.57 -30.92
CA PRO A 331 -16.43 7.65 -30.02
C PRO A 331 -17.16 6.59 -30.84
N TYR A 332 -17.13 5.36 -30.35
CA TYR A 332 -17.73 4.26 -31.10
C TYR A 332 -19.20 4.55 -31.35
N ASP A 333 -19.60 4.45 -32.63
CA ASP A 333 -20.96 4.73 -33.08
C ASP A 333 -21.55 3.54 -33.82
N GLY A 334 -20.89 2.37 -33.73
CA GLY A 334 -21.28 1.20 -34.47
C GLY A 334 -20.33 0.83 -35.60
N ALA A 335 -19.55 1.80 -36.08
CA ALA A 335 -18.60 1.58 -37.17
C ALA A 335 -17.18 1.85 -36.70
N ILE A 336 -16.28 0.92 -36.97
CA ILE A 336 -14.88 1.06 -36.60
C ILE A 336 -14.14 1.76 -37.73
N LYS A 337 -13.62 2.95 -37.44
CA LYS A 337 -12.92 3.75 -38.43
C LYS A 337 -11.43 3.48 -38.36
N GLN A 338 -10.80 3.35 -39.52
CA GLN A 338 -9.36 3.13 -39.60
C GLN A 338 -8.63 4.45 -39.44
N GLY A 339 -7.46 4.40 -38.80
CA GLY A 339 -6.62 5.57 -38.61
C GLY A 339 -7.09 6.55 -37.55
N VAL A 340 -8.11 6.20 -36.78
CA VAL A 340 -8.53 7.04 -35.67
C VAL A 340 -8.67 6.16 -34.44
N TRP A 341 -8.61 6.81 -33.28
CA TRP A 341 -8.84 6.13 -32.02
C TRP A 341 -10.34 5.91 -31.86
N ASN A 342 -10.75 4.65 -31.86
CA ASN A 342 -12.16 4.29 -31.69
C ASN A 342 -12.43 4.10 -30.18
N SER A 343 -13.01 5.12 -29.55
CA SER A 343 -13.15 5.17 -28.09
C SER A 343 -14.47 4.54 -27.68
N PHE A 344 -14.39 3.32 -27.15
CA PHE A 344 -15.59 2.66 -26.63
C PHE A 344 -16.06 3.33 -25.34
N PRO A 345 -17.37 3.20 -25.02
CA PRO A 345 -17.91 3.91 -23.85
C PRO A 345 -17.23 3.44 -22.59
N VAL A 346 -17.01 4.38 -21.67
CA VAL A 346 -16.44 4.06 -20.39
C VAL A 346 -17.19 2.86 -19.81
N MET A 347 -16.45 1.91 -19.26
CA MET A 347 -17.01 0.70 -18.65
C MET A 347 -17.10 0.94 -17.15
N GLU A 348 -18.29 1.29 -16.68
CA GLU A 348 -18.49 1.54 -15.27
C GLU A 348 -18.31 0.26 -14.45
N GLY A 349 -17.73 0.42 -13.25
CA GLY A 349 -17.50 -0.71 -12.38
C GLY A 349 -16.21 -1.46 -12.62
N TRP A 350 -15.51 -1.18 -13.72
CA TRP A 350 -14.28 -1.86 -14.07
C TRP A 350 -13.10 -1.08 -13.47
N ASP A 351 -12.36 -1.71 -12.55
CA ASP A 351 -11.13 -1.14 -12.04
C ASP A 351 -9.96 -1.49 -12.97
N HIS A 352 -8.80 -0.90 -12.68
CA HIS A 352 -7.62 -1.06 -13.54
C HIS A 352 -7.26 -2.53 -13.73
N MET A 353 -7.31 -3.33 -12.67
CA MET A 353 -6.94 -4.75 -12.74
C MET A 353 -8.07 -5.67 -13.21
N ASP A 354 -9.32 -5.20 -13.25
CA ASP A 354 -10.41 -6.07 -13.70
C ASP A 354 -10.17 -6.53 -15.14
N PHE A 355 -9.47 -5.72 -15.94
CA PHE A 355 -9.29 -6.06 -17.34
C PHE A 355 -8.48 -7.34 -17.51
N ILE A 356 -7.58 -7.66 -16.57
CA ILE A 356 -6.73 -8.84 -16.67
C ILE A 356 -7.09 -9.89 -15.62
N ASN A 357 -8.24 -9.74 -14.96
CA ASN A 357 -8.77 -10.71 -14.01
C ASN A 357 -7.78 -11.00 -12.89
N PHE A 358 -7.19 -9.94 -12.39
CA PHE A 358 -6.41 -10.05 -11.18
C PHE A 358 -7.28 -10.56 -10.04
N ILE A 359 -6.65 -11.21 -9.07
CA ILE A 359 -7.39 -11.82 -7.97
C ILE A 359 -8.29 -10.77 -7.32
N GLY A 360 -9.46 -11.20 -6.87
CA GLY A 360 -10.50 -10.26 -6.44
C GLY A 360 -11.24 -9.64 -7.60
N SER A 361 -11.57 -10.44 -8.61
CA SER A 361 -11.96 -9.92 -9.92
C SER A 361 -13.45 -9.62 -10.00
N ASN A 362 -13.77 -8.55 -10.72
CA ASN A 362 -15.14 -8.13 -10.97
C ASN A 362 -15.26 -7.77 -12.45
N THR A 363 -16.25 -8.34 -13.13
CA THR A 363 -16.41 -8.12 -14.58
C THR A 363 -17.86 -7.74 -14.88
N PRO A 364 -18.31 -6.56 -14.43
CA PRO A 364 -19.72 -6.18 -14.67
C PRO A 364 -20.12 -6.29 -16.14
N GLY A 365 -21.34 -6.80 -16.36
CA GLY A 365 -21.87 -7.03 -17.68
C GLY A 365 -21.55 -8.40 -18.25
N TYR A 366 -20.75 -9.21 -17.57
CA TYR A 366 -20.33 -10.50 -18.08
C TYR A 366 -20.34 -11.53 -16.96
N PHE A 367 -20.37 -12.80 -17.35
CA PHE A 367 -20.25 -13.88 -16.38
C PHE A 367 -18.80 -14.14 -16.02
N SER A 368 -17.88 -13.83 -16.93
CA SER A 368 -16.48 -14.20 -16.79
C SER A 368 -15.63 -13.25 -17.62
N ILE A 369 -14.36 -13.10 -17.21
CA ILE A 369 -13.42 -12.34 -18.04
C ILE A 369 -13.24 -13.01 -19.41
N TYR A 370 -13.58 -14.30 -19.51
CA TYR A 370 -13.51 -14.97 -20.81
C TYR A 370 -14.53 -14.38 -21.78
N GLY A 371 -15.72 -14.02 -21.31
CA GLY A 371 -16.74 -13.53 -22.22
C GLY A 371 -16.41 -12.15 -22.76
N TYR A 372 -15.65 -11.37 -21.99
CA TYR A 372 -15.20 -10.07 -22.50
C TYR A 372 -14.10 -10.25 -23.53
N TYR A 373 -13.13 -11.14 -23.27
CA TYR A 373 -12.08 -11.34 -24.25
C TYR A 373 -12.61 -12.04 -25.49
N ASN A 374 -13.70 -12.81 -25.35
CA ASN A 374 -14.33 -13.39 -26.53
C ASN A 374 -14.75 -12.29 -27.49
N ASP A 375 -15.31 -11.21 -26.95
CA ASP A 375 -15.86 -10.16 -27.78
C ASP A 375 -14.76 -9.25 -28.31
N VAL A 376 -13.68 -9.09 -27.54
CA VAL A 376 -12.56 -8.28 -27.99
C VAL A 376 -11.84 -8.99 -29.13
N ALA A 377 -11.63 -10.29 -28.99
CA ALA A 377 -10.94 -11.05 -30.03
C ALA A 377 -11.76 -11.11 -31.30
N ASN A 378 -13.07 -11.38 -31.16
CA ASN A 378 -13.96 -11.35 -32.31
C ASN A 378 -13.96 -9.97 -32.96
N ARG A 379 -13.80 -8.91 -32.16
CA ARG A 379 -13.80 -7.56 -32.73
C ARG A 379 -12.54 -7.27 -33.57
N VAL A 380 -11.34 -7.58 -33.06
CA VAL A 380 -10.16 -7.35 -33.92
C VAL A 380 -10.14 -8.36 -35.06
N HIS A 381 -10.71 -9.55 -34.86
CA HIS A 381 -10.81 -10.54 -35.94
C HIS A 381 -11.67 -10.01 -37.08
N SER A 382 -12.63 -9.13 -36.77
CA SER A 382 -13.58 -8.62 -37.75
C SER A 382 -12.99 -7.52 -38.64
N LEU A 383 -11.85 -6.95 -38.29
CA LEU A 383 -11.31 -5.82 -39.06
C LEU A 383 -10.98 -6.26 -40.50
N PRO A 384 -11.36 -5.48 -41.50
CA PRO A 384 -11.13 -5.91 -42.88
C PRO A 384 -9.66 -5.74 -43.29
N LYS A 385 -9.23 -6.60 -44.19
CA LYS A 385 -7.90 -6.49 -44.77
C LYS A 385 -7.78 -5.30 -45.72
N SER B 3 20.23 2.18 37.76
CA SER B 3 19.62 0.93 38.21
C SER B 3 18.57 1.12 39.33
N GLY B 4 17.55 1.95 39.08
CA GLY B 4 16.70 2.40 40.15
C GLY B 4 15.66 1.39 40.61
N ASN B 5 15.12 0.60 39.68
CA ASN B 5 14.05 -0.34 39.99
C ASN B 5 14.19 -1.65 39.22
N ASP B 6 13.38 -2.64 39.63
CA ASP B 6 13.39 -3.98 39.06
C ASP B 6 12.05 -4.33 38.43
N TYR B 7 11.20 -3.35 38.16
CA TYR B 7 9.85 -3.64 37.69
C TYR B 7 9.88 -4.12 36.24
N PRO B 8 9.15 -5.18 35.91
CA PRO B 8 9.24 -5.72 34.56
C PRO B 8 8.56 -4.80 33.57
N ILE B 9 8.96 -4.96 32.29
CA ILE B 9 8.39 -4.28 31.14
C ILE B 9 7.26 -5.12 30.57
N VAL B 10 6.17 -4.46 30.20
CA VAL B 10 5.05 -5.12 29.54
C VAL B 10 4.79 -4.37 28.25
N LEU B 11 4.97 -5.03 27.12
CA LEU B 11 4.82 -4.40 25.82
C LEU B 11 3.38 -4.54 25.33
N VAL B 12 2.81 -3.44 24.83
CA VAL B 12 1.41 -3.38 24.42
C VAL B 12 1.37 -2.95 22.96
N HIS B 13 1.10 -3.91 22.07
CA HIS B 13 0.97 -3.60 20.67
C HIS B 13 -0.19 -2.64 20.41
N GLY B 14 -0.19 -2.07 19.22
CA GLY B 14 -1.19 -1.13 18.76
C GLY B 14 -2.14 -1.73 17.74
N LEU B 15 -2.68 -0.87 16.88
CA LEU B 15 -3.70 -1.27 15.92
C LEU B 15 -3.21 -2.42 15.05
N GLY B 16 -3.99 -3.50 15.00
CA GLY B 16 -3.65 -4.65 14.18
C GLY B 16 -2.60 -5.56 14.75
N GLY B 17 -2.00 -5.18 15.88
CA GLY B 17 -1.02 -6.03 16.51
C GLY B 17 -1.57 -7.43 16.76
N TRP B 18 -0.67 -8.39 16.71
CA TRP B 18 -0.97 -9.80 16.85
C TRP B 18 -0.12 -10.35 18.00
N GLY B 19 -0.48 -11.52 18.50
CA GLY B 19 0.28 -12.15 19.55
C GLY B 19 1.11 -13.28 18.99
N LYS B 20 2.16 -13.65 19.72
CA LYS B 20 2.91 -14.84 19.34
C LYS B 20 2.02 -16.06 19.45
N GLY B 21 2.23 -17.02 18.56
CA GLY B 21 1.28 -18.11 18.41
C GLY B 21 0.33 -17.87 17.26
N GLU B 22 0.39 -16.69 16.64
CA GLU B 22 -0.38 -16.36 15.44
C GLU B 22 0.50 -16.29 14.19
N PHE B 23 1.79 -15.95 14.34
CA PHE B 23 2.74 -15.97 13.22
C PHE B 23 4.08 -16.47 13.71
N LEU B 24 4.43 -17.69 13.36
CA LEU B 24 5.67 -18.26 13.85
C LEU B 24 6.84 -17.72 13.03
N GLY B 25 7.84 -17.20 13.73
CA GLY B 25 8.97 -16.55 13.10
C GLY B 25 8.82 -15.06 12.90
N TYR B 26 7.67 -14.49 13.19
CA TYR B 26 7.43 -13.07 12.92
C TYR B 26 6.65 -12.46 14.07
N ARG B 27 7.31 -11.61 14.85
CA ARG B 27 6.83 -11.05 16.10
C ARG B 27 6.52 -9.58 15.93
N TYR B 28 5.42 -9.15 16.54
CA TYR B 28 5.08 -7.73 16.53
C TYR B 28 6.24 -6.88 16.99
N TRP B 29 6.88 -7.24 18.10
CA TRP B 29 8.00 -6.49 18.65
C TRP B 29 9.29 -7.09 18.09
N GLY B 30 9.71 -6.61 16.92
CA GLY B 30 10.99 -6.97 16.37
C GLY B 30 10.95 -7.58 14.98
N GLY B 31 9.79 -8.08 14.54
CA GLY B 31 9.64 -8.70 13.25
C GLY B 31 10.39 -10.01 13.15
N LEU B 32 11.46 -10.00 12.35
CA LEU B 32 12.43 -11.08 12.28
C LEU B 32 13.38 -11.06 13.48
N LYS B 33 13.36 -10.00 14.27
CA LYS B 33 14.06 -10.01 15.54
C LYS B 33 13.05 -10.15 16.67
N ASP B 34 13.54 -10.53 17.86
CA ASP B 34 12.73 -10.63 19.07
C ASP B 34 13.26 -9.58 20.05
N ILE B 35 12.61 -8.43 20.09
CA ILE B 35 12.92 -7.39 21.08
C ILE B 35 12.79 -7.94 22.48
N GLU B 36 11.70 -8.66 22.76
CA GLU B 36 11.47 -9.18 24.10
C GLU B 36 12.58 -10.14 24.52
N PHE B 37 12.96 -11.06 23.63
CA PHE B 37 14.02 -12.00 23.97
C PHE B 37 15.32 -11.26 24.24
N TYR B 38 15.68 -10.33 23.34
CA TYR B 38 16.87 -9.52 23.57
C TYR B 38 16.81 -8.79 24.91
N LEU B 39 15.64 -8.24 25.28
CA LEU B 39 15.58 -7.51 26.55
C LEU B 39 15.73 -8.44 27.74
N ASN B 40 15.10 -9.62 27.68
CA ASN B 40 15.24 -10.59 28.77
C ASN B 40 16.66 -11.13 28.87
N GLN B 41 17.37 -11.23 27.73
CA GLN B 41 18.72 -11.79 27.76
C GLN B 41 19.75 -10.76 28.23
N THR B 42 19.40 -9.47 28.24
CA THR B 42 20.29 -8.38 28.61
C THR B 42 19.88 -7.72 29.92
N GLY B 43 19.19 -8.46 30.81
CA GLY B 43 18.94 -8.02 32.15
C GLY B 43 17.68 -7.20 32.38
N HIS B 44 16.76 -7.17 31.43
CA HIS B 44 15.51 -6.41 31.57
C HIS B 44 14.32 -7.34 31.41
N ARG B 45 13.70 -7.74 32.53
CA ARG B 45 12.56 -8.65 32.46
C ARG B 45 11.43 -8.00 31.69
N THR B 46 10.98 -8.67 30.63
CA THR B 46 10.01 -8.12 29.69
C THR B 46 8.93 -9.15 29.37
N TYR B 47 7.68 -8.71 29.43
CA TYR B 47 6.53 -9.51 29.03
C TYR B 47 5.91 -8.89 27.78
N VAL B 48 5.30 -9.73 26.95
CA VAL B 48 4.52 -9.24 25.82
C VAL B 48 3.05 -9.52 26.12
N ALA B 49 2.25 -8.46 26.21
CA ALA B 49 0.81 -8.59 26.34
C ALA B 49 0.14 -8.58 24.97
N THR B 50 -1.00 -9.26 24.89
CA THR B 50 -1.78 -9.32 23.65
C THR B 50 -3.22 -8.93 23.93
N VAL B 51 -3.73 -7.97 23.17
CA VAL B 51 -5.07 -7.47 23.35
C VAL B 51 -5.72 -7.42 21.97
N GLY B 52 -6.95 -6.92 21.91
CA GLY B 52 -7.68 -6.93 20.66
C GLY B 52 -7.03 -6.01 19.64
N PRO B 53 -6.72 -6.54 18.45
CA PRO B 53 -6.01 -5.73 17.45
C PRO B 53 -6.78 -4.52 16.98
N VAL B 54 -8.12 -4.56 16.96
CA VAL B 54 -8.91 -3.51 16.34
C VAL B 54 -10.02 -3.01 17.24
N SER B 55 -10.10 -3.55 18.46
CA SER B 55 -11.08 -3.15 19.46
C SER B 55 -10.79 -1.75 19.99
N SER B 56 -11.74 -1.23 20.76
CA SER B 56 -11.58 0.04 21.44
C SER B 56 -10.51 -0.04 22.53
N ASN B 57 -10.01 1.14 22.91
CA ASN B 57 -9.04 1.22 23.99
C ASN B 57 -9.65 0.75 25.30
N TRP B 58 -10.94 1.02 25.52
CA TRP B 58 -11.63 0.47 26.67
C TRP B 58 -11.55 -1.06 26.69
N ASP B 59 -12.13 -1.69 25.66
CA ASP B 59 -12.04 -3.13 25.50
C ASP B 59 -10.62 -3.62 25.70
N ARG B 60 -9.67 -2.98 25.01
CA ARG B 60 -8.28 -3.41 25.04
C ARG B 60 -7.68 -3.23 26.43
N ALA B 61 -8.00 -2.11 27.10
CA ALA B 61 -7.46 -1.88 28.45
C ALA B 61 -7.96 -2.93 29.42
N VAL B 62 -9.26 -3.25 29.36
CA VAL B 62 -9.84 -4.30 30.19
C VAL B 62 -9.18 -5.64 29.91
N GLU B 63 -9.05 -5.99 28.62
CA GLU B 63 -8.36 -7.22 28.27
C GLU B 63 -6.91 -7.22 28.76
N LEU B 64 -6.25 -6.04 28.71
CA LEU B 64 -4.88 -5.94 29.17
C LEU B 64 -4.77 -6.20 30.67
N TYR B 65 -5.64 -5.58 31.46
CA TYR B 65 -5.68 -5.85 32.89
C TYR B 65 -5.70 -7.35 33.17
N TYR B 66 -6.65 -8.08 32.56
CA TYR B 66 -6.77 -9.50 32.89
C TYR B 66 -5.62 -10.31 32.28
N TYR B 67 -5.09 -9.89 31.13
CA TYR B 67 -3.95 -10.62 30.56
C TYR B 67 -2.76 -10.63 31.53
N ILE B 68 -2.45 -9.48 32.14
CA ILE B 68 -1.40 -9.43 33.15
C ILE B 68 -1.85 -10.11 34.45
N LYS B 69 -2.95 -9.62 35.05
CA LYS B 69 -3.34 -10.05 36.39
C LYS B 69 -3.83 -11.49 36.43
N GLY B 70 -4.52 -11.91 35.38
CA GLY B 70 -5.22 -13.19 35.42
C GLY B 70 -6.68 -13.03 35.80
N GLY B 71 -7.56 -13.76 35.14
CA GLY B 71 -8.98 -13.72 35.43
C GLY B 71 -9.80 -13.71 34.16
N THR B 72 -11.07 -13.36 34.29
CA THR B 72 -12.02 -13.37 33.19
C THR B 72 -12.41 -11.94 32.83
N VAL B 73 -12.27 -11.62 31.54
CA VAL B 73 -12.45 -10.26 31.05
C VAL B 73 -13.89 -9.82 31.30
N ASP B 74 -14.04 -8.64 31.91
CA ASP B 74 -15.34 -8.05 32.22
C ASP B 74 -15.31 -6.62 31.73
N TYR B 75 -15.96 -6.37 30.59
CA TYR B 75 -15.95 -5.03 30.01
C TYR B 75 -16.84 -4.05 30.77
N GLY B 76 -17.50 -4.51 31.84
CA GLY B 76 -18.39 -3.67 32.60
C GLY B 76 -19.82 -3.73 32.08
N ALA B 77 -20.77 -3.88 33.01
CA ALA B 77 -22.18 -4.03 32.64
C ALA B 77 -22.73 -2.78 31.98
N ALA B 78 -22.49 -1.61 32.58
CA ALA B 78 -22.94 -0.37 31.95
C ALA B 78 -22.32 -0.20 30.56
N HIS B 79 -21.01 -0.37 30.45
CA HIS B 79 -20.36 -0.16 29.15
C HIS B 79 -20.91 -1.14 28.12
N ALA B 80 -21.13 -2.39 28.51
CA ALA B 80 -21.67 -3.37 27.57
C ALA B 80 -23.11 -3.06 27.22
N LYS B 81 -23.85 -2.45 28.15
CA LYS B 81 -25.22 -2.05 27.85
C LYS B 81 -25.25 -0.90 26.84
N GLU B 82 -24.46 0.14 27.07
CA GLU B 82 -24.53 1.31 26.21
C GLU B 82 -23.97 1.02 24.80
N HIS B 83 -22.98 0.13 24.69
CA HIS B 83 -22.34 -0.10 23.39
C HIS B 83 -22.77 -1.39 22.70
N GLY B 84 -23.50 -2.27 23.38
CA GLY B 84 -24.17 -3.36 22.71
C GLY B 84 -23.33 -4.59 22.42
N HIS B 85 -22.34 -4.89 23.25
CA HIS B 85 -21.57 -6.12 23.08
C HIS B 85 -21.59 -6.90 24.39
N ALA B 86 -21.15 -8.16 24.30
CA ALA B 86 -21.11 -9.02 25.49
C ALA B 86 -20.23 -8.41 26.59
N ARG B 87 -20.62 -8.68 27.84
CA ARG B 87 -19.96 -8.14 29.03
C ARG B 87 -18.70 -8.91 29.40
N PHE B 88 -18.67 -10.20 29.11
CA PHE B 88 -17.56 -11.06 29.54
C PHE B 88 -16.85 -11.63 28.32
N GLY B 89 -15.52 -11.46 28.29
CA GLY B 89 -14.72 -12.02 27.22
C GLY B 89 -13.87 -13.23 27.63
N ARG B 90 -12.59 -13.19 27.27
CA ARG B 90 -11.76 -14.36 27.45
C ARG B 90 -11.26 -14.47 28.90
N THR B 91 -10.74 -15.65 29.23
CA THR B 91 -10.25 -15.96 30.57
C THR B 91 -8.77 -16.30 30.50
N TYR B 92 -7.95 -15.55 31.24
CA TYR B 92 -6.50 -15.67 31.20
C TYR B 92 -5.92 -16.14 32.51
N PRO B 93 -4.82 -16.91 32.47
CA PRO B 93 -4.18 -17.35 33.71
C PRO B 93 -3.37 -16.25 34.38
N GLY B 94 -2.93 -15.23 33.63
CA GLY B 94 -2.11 -14.15 34.14
C GLY B 94 -0.65 -14.33 33.87
N ILE B 95 -0.01 -13.33 33.25
CA ILE B 95 1.42 -13.46 33.00
C ILE B 95 2.25 -12.87 34.14
N TYR B 96 1.65 -12.08 35.02
CA TYR B 96 2.32 -11.50 36.18
C TYR B 96 1.32 -11.42 37.33
N GLY B 97 0.98 -12.56 37.93
CA GLY B 97 -0.11 -12.61 38.89
C GLY B 97 0.13 -11.82 40.16
N GLN B 98 1.39 -11.72 40.59
CA GLN B 98 1.75 -11.04 41.84
C GLN B 98 1.71 -9.52 41.71
N TRP B 99 1.38 -9.03 40.52
CA TRP B 99 1.27 -7.61 40.21
C TRP B 99 0.45 -6.87 41.26
N ASP B 100 1.03 -5.79 41.81
CA ASP B 100 0.31 -4.91 42.74
C ASP B 100 1.10 -3.65 43.04
N GLU B 101 0.83 -3.03 44.20
CA GLU B 101 1.40 -1.73 44.52
C GLU B 101 2.91 -1.79 44.76
N THR B 102 3.41 -2.97 45.14
CA THR B 102 4.85 -3.15 45.30
C THR B 102 5.48 -3.87 44.12
N ASN B 103 4.71 -4.74 43.46
CA ASN B 103 5.16 -5.42 42.23
C ASN B 103 4.63 -4.65 41.02
N LYS B 104 5.17 -3.45 40.83
CA LYS B 104 4.73 -2.59 39.75
C LYS B 104 5.31 -3.05 38.40
N ILE B 105 4.76 -2.48 37.33
CA ILE B 105 5.20 -2.79 35.98
C ILE B 105 5.44 -1.48 35.23
N HIS B 106 6.27 -1.59 34.18
CA HIS B 106 6.42 -0.55 33.18
C HIS B 106 5.55 -0.92 31.99
N LEU B 107 4.69 0.00 31.57
CA LEU B 107 3.89 -0.19 30.38
C LEU B 107 4.53 0.59 29.23
N ILE B 108 4.95 -0.13 28.19
CA ILE B 108 5.51 0.47 26.99
C ILE B 108 4.59 0.08 25.84
N GLY B 109 3.88 1.04 25.29
CA GLY B 109 2.89 0.78 24.25
C GLY B 109 3.27 1.49 22.97
N HIS B 110 3.18 0.76 21.86
CA HIS B 110 3.45 1.36 20.55
C HIS B 110 2.14 1.72 19.88
N SER B 111 2.12 2.87 19.22
CA SER B 111 0.94 3.31 18.48
C SER B 111 -0.25 3.38 19.44
N MET B 112 -1.40 2.80 19.08
CA MET B 112 -2.57 2.75 19.93
C MET B 112 -2.27 2.12 21.28
N GLY B 113 -1.23 1.30 21.35
CA GLY B 113 -0.86 0.70 22.61
C GLY B 113 -0.54 1.72 23.68
N GLY B 114 -0.09 2.91 23.28
CA GLY B 114 0.15 3.96 24.26
C GLY B 114 -1.15 4.48 24.87
N GLN B 115 -2.16 4.68 24.02
CA GLN B 115 -3.49 5.04 24.52
C GLN B 115 -4.03 3.96 25.45
N THR B 116 -3.95 2.69 25.02
CA THR B 116 -4.44 1.60 25.84
C THR B 116 -3.73 1.57 27.19
N SER B 117 -2.44 1.88 27.21
CA SER B 117 -1.68 1.89 28.45
C SER B 117 -2.17 3.01 29.37
N ARG B 118 -2.51 4.16 28.79
CA ARG B 118 -3.03 5.26 29.58
C ARG B 118 -4.42 4.90 30.10
N MET B 119 -5.22 4.28 29.25
CA MET B 119 -6.56 3.88 29.65
C MET B 119 -6.49 2.93 30.84
N LEU B 120 -5.53 2.01 30.84
CA LEU B 120 -5.42 1.04 31.92
C LEU B 120 -5.00 1.71 33.22
N VAL B 121 -4.06 2.65 33.14
CA VAL B 121 -3.66 3.38 34.34
C VAL B 121 -4.87 4.11 34.92
N GLU B 122 -5.66 4.74 34.05
CA GLU B 122 -6.87 5.44 34.49
C GLU B 122 -7.81 4.51 35.25
N LEU B 123 -8.21 3.40 34.61
CA LEU B 123 -9.02 2.38 35.25
C LEU B 123 -8.41 1.86 36.54
N LEU B 124 -7.10 1.64 36.55
CA LEU B 124 -6.48 1.16 37.79
C LEU B 124 -6.61 2.22 38.88
N LYS B 125 -6.22 3.45 38.54
CA LYS B 125 -6.17 4.53 39.53
C LYS B 125 -7.57 4.94 39.99
N SER B 126 -8.42 5.30 39.04
CA SER B 126 -9.73 5.86 39.31
C SER B 126 -10.87 4.87 39.12
N GLY B 127 -10.64 3.75 38.45
CA GLY B 127 -11.78 2.89 38.24
C GLY B 127 -12.72 3.53 37.23
N SER B 128 -14.01 3.27 37.40
CA SER B 128 -15.05 3.80 36.51
C SER B 128 -16.25 4.22 37.35
N GLN B 129 -16.59 5.51 37.28
CA GLN B 129 -17.76 6.02 37.97
C GLN B 129 -19.03 5.45 37.36
N LYS B 130 -19.09 5.34 36.03
CA LYS B 130 -20.25 4.71 35.41
C LYS B 130 -20.47 3.29 35.96
N GLU B 131 -19.43 2.47 35.99
CA GLU B 131 -19.62 1.09 36.43
C GLU B 131 -20.00 1.01 37.91
N GLN B 132 -19.54 1.96 38.72
CA GLN B 132 -19.87 1.94 40.14
C GLN B 132 -21.34 2.33 40.36
N GLU B 133 -21.82 3.34 39.63
CA GLU B 133 -23.22 3.73 39.70
C GLU B 133 -24.10 2.62 39.17
N TYR B 134 -23.67 1.95 38.11
CA TYR B 134 -24.44 0.80 37.62
C TYR B 134 -24.50 -0.29 38.66
N TYR B 135 -23.40 -0.50 39.38
CA TYR B 135 -23.36 -1.50 40.44
C TYR B 135 -24.26 -1.10 41.61
N SER B 136 -24.30 0.19 41.93
CA SER B 136 -25.18 0.66 43.02
C SER B 136 -26.65 0.45 42.66
N GLN B 137 -27.02 0.77 41.41
CA GLN B 137 -28.39 0.61 40.95
C GLN B 137 -28.76 -0.85 40.74
N HIS B 138 -27.81 -1.71 40.37
CA HIS B 138 -28.09 -3.13 40.14
C HIS B 138 -27.03 -4.01 40.81
N PRO B 139 -27.10 -4.17 42.13
CA PRO B 139 -26.07 -4.98 42.82
C PRO B 139 -26.06 -6.44 42.40
N GLU B 140 -27.19 -6.94 41.90
CA GLU B 140 -27.27 -8.29 41.37
C GLU B 140 -26.18 -8.54 40.32
N GLU B 141 -25.82 -7.54 39.53
CA GLU B 141 -24.90 -7.76 38.43
C GLU B 141 -23.46 -7.87 38.91
N GLY B 142 -23.12 -7.20 40.01
CA GLY B 142 -21.77 -7.25 40.51
C GLY B 142 -20.88 -6.23 39.83
N ILE B 143 -19.59 -6.28 40.19
CA ILE B 143 -18.59 -5.35 39.66
C ILE B 143 -17.21 -5.94 39.90
N SER B 144 -16.36 -5.73 38.96
CA SER B 144 -15.01 -6.28 38.97
C SER B 144 -14.07 -5.38 39.76
N PRO B 145 -13.07 -5.98 40.41
CA PRO B 145 -12.09 -5.16 41.14
C PRO B 145 -11.48 -4.05 40.28
N LEU B 146 -11.31 -4.25 38.97
CA LEU B 146 -10.66 -3.23 38.14
C LEU B 146 -11.40 -1.90 38.24
N PHE B 147 -12.73 -1.97 38.32
CA PHE B 147 -13.53 -0.75 38.28
C PHE B 147 -13.67 -0.09 39.66
N THR B 148 -13.17 -0.70 40.75
CA THR B 148 -13.35 -0.06 42.05
C THR B 148 -12.28 1.01 42.28
N GLY B 149 -11.12 0.91 41.61
CA GLY B 149 -10.09 1.93 41.72
C GLY B 149 -9.08 1.67 42.82
N GLY B 150 -8.22 2.66 43.05
CA GLY B 150 -7.27 2.60 44.15
C GLY B 150 -5.99 1.86 43.90
N LYS B 151 -5.67 1.47 42.66
CA LYS B 151 -4.54 0.59 42.36
C LYS B 151 -3.42 1.38 41.69
N ASN B 152 -2.32 1.56 42.42
CA ASN B 152 -1.12 2.20 41.89
C ASN B 152 -0.11 1.12 41.50
N TRP B 153 -0.47 0.38 40.43
CA TRP B 153 0.34 -0.76 40.03
C TRP B 153 1.27 -0.48 38.84
N VAL B 154 1.21 0.71 38.26
CA VAL B 154 2.01 1.05 37.10
C VAL B 154 3.02 2.11 37.52
N HIS B 155 4.29 1.78 37.38
CA HIS B 155 5.33 2.76 37.70
C HIS B 155 5.50 3.77 36.57
N SER B 156 5.46 3.30 35.32
CA SER B 156 5.62 4.22 34.20
C SER B 156 4.86 3.75 32.97
N VAL B 157 4.54 4.72 32.13
CA VAL B 157 3.96 4.51 30.81
C VAL B 157 4.87 5.18 29.79
N THR B 158 5.25 4.42 28.76
CA THR B 158 6.09 4.93 27.68
C THR B 158 5.35 4.73 26.36
N SER B 159 5.06 5.82 25.67
CA SER B 159 4.40 5.73 24.38
C SER B 159 5.42 5.87 23.26
N LEU B 160 5.29 5.02 22.25
CA LEU B 160 6.08 5.05 21.03
C LEU B 160 5.15 5.32 19.87
N ALA B 161 5.28 6.49 19.26
CA ALA B 161 4.55 6.81 18.02
C ALA B 161 3.06 6.61 18.23
N THR B 162 2.58 7.09 19.39
CA THR B 162 1.22 6.98 19.86
C THR B 162 0.41 8.19 19.42
N PRO B 163 -0.73 7.99 18.76
CA PRO B 163 -1.59 9.14 18.40
C PRO B 163 -2.41 9.63 19.59
N HIS B 164 -1.71 10.28 20.54
CA HIS B 164 -2.37 10.74 21.76
C HIS B 164 -3.53 11.68 21.44
N ASN B 165 -3.37 12.50 20.41
CA ASN B 165 -4.41 13.43 19.98
C ASN B 165 -5.08 13.01 18.68
N GLY B 166 -4.85 11.77 18.21
CA GLY B 166 -5.52 11.24 17.04
C GLY B 166 -4.66 11.32 15.78
N SER B 167 -5.20 10.76 14.70
CA SER B 167 -4.56 10.78 13.40
C SER B 167 -5.50 11.40 12.38
N THR B 168 -5.01 12.36 11.60
CA THR B 168 -5.89 12.89 10.56
C THR B 168 -6.10 11.87 9.44
N PHE B 169 -5.30 10.80 9.39
CA PHE B 169 -5.69 9.67 8.56
C PHE B 169 -6.99 9.06 9.03
N ALA B 170 -7.08 8.71 10.32
CA ALA B 170 -8.31 8.13 10.86
C ALA B 170 -9.52 9.01 10.59
N ASP B 171 -9.31 10.33 10.51
CA ASP B 171 -10.41 11.25 10.24
C ASP B 171 -11.09 11.00 8.88
N GLN B 172 -10.44 10.35 7.92
CA GLN B 172 -11.07 10.11 6.62
C GLN B 172 -11.86 8.81 6.52
N GLU B 173 -12.11 8.12 7.64
CA GLU B 173 -13.02 6.98 7.66
C GLU B 173 -12.62 5.89 6.67
N GLN B 174 -11.32 5.64 6.55
CA GLN B 174 -10.84 4.62 5.63
C GLN B 174 -10.02 3.55 6.35
N ILE B 175 -10.29 3.35 7.62
CA ILE B 175 -9.52 2.40 8.42
C ILE B 175 -9.84 0.96 8.05
N VAL B 176 -11.08 0.69 7.61
CA VAL B 176 -11.42 -0.63 7.09
C VAL B 176 -10.50 -1.01 5.94
N SER B 177 -10.39 -0.12 4.95
CA SER B 177 -9.50 -0.37 3.82
C SER B 177 -8.06 -0.48 4.29
N PHE B 178 -7.67 0.32 5.28
CA PHE B 178 -6.28 0.26 5.73
C PHE B 178 -5.98 -1.07 6.42
N ILE B 179 -6.94 -1.65 7.11
CA ILE B 179 -6.65 -2.90 7.81
C ILE B 179 -6.62 -4.08 6.85
N LYS B 180 -7.46 -4.02 5.81
CA LYS B 180 -7.44 -5.03 4.76
C LYS B 180 -6.10 -5.03 4.03
N ASP B 181 -5.56 -3.85 3.75
CA ASP B 181 -4.21 -3.74 3.20
C ASP B 181 -3.15 -4.20 4.21
N PHE B 182 -3.32 -3.85 5.48
CA PHE B 182 -2.34 -4.23 6.50
C PHE B 182 -2.21 -5.75 6.61
N ILE B 183 -3.33 -6.49 6.56
CA ILE B 183 -3.25 -7.94 6.66
C ILE B 183 -2.49 -8.53 5.47
N ILE B 184 -2.67 -7.94 4.28
CA ILE B 184 -1.88 -8.38 3.12
C ILE B 184 -0.39 -8.24 3.42
N HIS B 185 0.02 -7.08 3.93
CA HIS B 185 1.43 -6.84 4.20
C HIS B 185 1.93 -7.75 5.33
N LEU B 186 1.10 -7.97 6.35
CA LEU B 186 1.51 -8.78 7.49
C LEU B 186 1.74 -10.22 7.08
N ALA B 187 0.76 -10.83 6.41
CA ALA B 187 0.96 -12.19 5.89
C ALA B 187 2.23 -12.27 5.05
N SER B 188 2.44 -11.30 4.16
CA SER B 188 3.61 -11.30 3.30
C SER B 188 4.90 -11.24 4.12
N ALA B 189 4.99 -10.24 5.02
CA ALA B 189 6.13 -10.18 5.93
C ALA B 189 6.40 -11.52 6.58
N ALA B 190 5.35 -12.23 6.98
CA ALA B 190 5.47 -13.49 7.69
C ALA B 190 5.64 -14.67 6.75
N GLY B 191 5.73 -14.44 5.44
CA GLY B 191 5.82 -15.51 4.47
C GLY B 191 4.71 -16.54 4.54
N GLN B 192 3.46 -16.11 4.76
CA GLN B 192 2.33 -17.00 4.95
C GLN B 192 1.25 -16.74 3.89
N LYS B 193 0.64 -17.81 3.40
CA LYS B 193 -0.44 -17.68 2.42
C LYS B 193 -1.69 -17.10 3.07
N GLN B 194 -2.44 -16.31 2.32
CA GLN B 194 -3.67 -15.72 2.85
C GLN B 194 -4.64 -16.78 3.37
N GLU B 195 -4.80 -17.88 2.63
CA GLU B 195 -5.83 -18.85 3.01
C GLU B 195 -5.48 -19.58 4.30
N SER B 196 -4.21 -19.66 4.66
CA SER B 196 -3.80 -20.40 5.86
C SER B 196 -3.65 -19.52 7.09
N LEU B 197 -4.05 -18.25 7.01
CA LEU B 197 -3.93 -17.35 8.14
C LEU B 197 -4.86 -17.78 9.27
N ILE B 198 -4.35 -17.71 10.49
CA ILE B 198 -5.15 -17.92 11.70
C ILE B 198 -5.17 -16.62 12.49
N TYR B 199 -5.00 -15.50 11.80
CA TYR B 199 -5.10 -14.19 12.45
C TYR B 199 -6.43 -14.09 13.20
N ASP B 200 -6.35 -13.68 14.46
CA ASP B 200 -7.50 -13.53 15.32
C ASP B 200 -7.82 -12.05 15.50
N PHE B 201 -9.01 -11.63 15.07
CA PHE B 201 -9.41 -10.25 15.32
C PHE B 201 -9.86 -10.01 16.76
N LYS B 202 -10.09 -11.07 17.53
CA LYS B 202 -10.41 -10.98 18.96
C LYS B 202 -11.61 -10.06 19.17
N LEU B 203 -12.64 -10.28 18.35
CA LEU B 203 -13.91 -9.58 18.44
C LEU B 203 -15.01 -10.48 18.98
N ASP B 204 -14.67 -11.37 19.92
CA ASP B 204 -15.65 -12.28 20.49
C ASP B 204 -16.86 -11.52 21.01
N GLN B 205 -16.61 -10.40 21.71
CA GLN B 205 -17.65 -9.68 22.44
C GLN B 205 -18.77 -9.22 21.51
N TRP B 206 -18.50 -9.14 20.21
CA TRP B 206 -19.43 -8.73 19.17
C TRP B 206 -20.04 -9.90 18.42
N GLY B 207 -19.88 -11.13 18.92
CA GLY B 207 -20.27 -12.30 18.17
C GLY B 207 -19.61 -12.44 16.82
N LEU B 208 -18.32 -12.13 16.70
CA LEU B 208 -17.61 -12.24 15.43
C LEU B 208 -16.45 -13.22 15.54
N LYS B 209 -16.71 -14.38 16.13
CA LYS B 209 -15.73 -15.45 16.12
C LYS B 209 -15.67 -16.12 14.75
N ARG B 210 -14.51 -16.68 14.43
CA ARG B 210 -14.36 -17.49 13.23
C ARG B 210 -15.12 -18.80 13.41
N GLN B 211 -16.01 -19.10 12.46
CA GLN B 211 -16.88 -20.26 12.56
C GLN B 211 -16.07 -21.53 12.31
N PRO B 212 -16.52 -22.68 12.81
CA PRO B 212 -15.80 -23.93 12.53
C PRO B 212 -15.78 -24.20 11.04
N GLY B 213 -14.59 -24.53 10.53
CA GLY B 213 -14.36 -24.74 9.11
C GLY B 213 -14.58 -23.54 8.21
N GLU B 214 -14.66 -22.34 8.75
CA GLU B 214 -14.85 -21.14 7.94
C GLU B 214 -13.51 -20.70 7.37
N SER B 215 -13.51 -20.36 6.08
CA SER B 215 -12.30 -19.85 5.47
C SER B 215 -11.87 -18.53 6.12
N PHE B 216 -10.57 -18.25 6.07
CA PHE B 216 -10.08 -16.99 6.60
C PHE B 216 -10.68 -15.79 5.87
N HIS B 217 -10.91 -15.94 4.55
CA HIS B 217 -11.50 -14.86 3.75
C HIS B 217 -12.94 -14.59 4.17
N ALA B 218 -13.75 -15.65 4.30
CA ALA B 218 -15.13 -15.48 4.73
C ALA B 218 -15.21 -14.84 6.10
N TYR B 219 -14.36 -15.28 7.04
CA TYR B 219 -14.32 -14.71 8.38
C TYR B 219 -13.91 -13.24 8.35
N MET B 220 -12.74 -12.95 7.75
CA MET B 220 -12.25 -11.58 7.66
C MET B 220 -13.27 -10.67 6.97
N ASN B 221 -13.99 -11.21 5.97
CA ASN B 221 -15.02 -10.40 5.34
C ASN B 221 -16.17 -10.10 6.31
N ARG B 222 -16.56 -11.08 7.13
CA ARG B 222 -17.56 -10.78 8.15
C ARG B 222 -17.06 -9.67 9.07
N VAL B 223 -15.77 -9.69 9.41
CA VAL B 223 -15.21 -8.66 10.28
C VAL B 223 -15.25 -7.29 9.60
N MET B 224 -14.70 -7.20 8.40
CA MET B 224 -14.59 -5.90 7.72
C MET B 224 -15.94 -5.34 7.26
N THR B 225 -16.97 -6.17 7.10
CA THR B 225 -18.27 -5.62 6.71
C THR B 225 -19.15 -5.32 7.90
N SER B 226 -18.67 -5.62 9.10
CA SER B 226 -19.47 -5.42 10.29
C SER B 226 -19.75 -3.94 10.51
N PRO B 227 -20.91 -3.59 11.09
CA PRO B 227 -21.20 -2.18 11.41
C PRO B 227 -20.44 -1.65 12.61
N ILE B 228 -19.83 -2.52 13.43
CA ILE B 228 -18.98 -2.08 14.54
C ILE B 228 -17.97 -1.04 14.11
N TRP B 229 -17.55 -1.07 12.85
CA TRP B 229 -16.55 -0.12 12.37
C TRP B 229 -17.08 1.30 12.31
N GLN B 230 -18.39 1.48 12.21
CA GLN B 230 -18.98 2.80 12.25
C GLN B 230 -19.44 3.18 13.66
N SER B 231 -19.04 2.40 14.68
CA SER B 231 -19.62 2.56 16.00
C SER B 231 -18.80 3.55 16.84
N ASN B 232 -19.07 3.51 18.14
CA ASN B 232 -18.51 4.36 19.17
C ASN B 232 -17.49 3.63 20.01
N ASP B 233 -17.35 2.33 19.80
CA ASP B 233 -16.53 1.47 20.61
C ASP B 233 -15.63 0.61 19.76
N ILE B 234 -14.80 1.25 18.94
CA ILE B 234 -13.91 0.57 18.02
C ILE B 234 -12.61 1.37 17.97
N SER B 235 -11.55 0.74 17.47
CA SER B 235 -10.27 1.43 17.33
C SER B 235 -10.37 2.57 16.35
N ALA B 236 -11.16 2.39 15.29
CA ALA B 236 -11.33 3.42 14.27
C ALA B 236 -11.80 4.72 14.89
N TYR B 237 -12.72 4.64 15.85
CA TYR B 237 -13.23 5.86 16.46
C TYR B 237 -12.18 6.52 17.35
N ASP B 238 -11.58 5.76 18.27
CA ASP B 238 -10.59 6.31 19.20
C ASP B 238 -9.39 6.92 18.46
N LEU B 239 -9.16 6.53 17.20
CA LEU B 239 -8.01 7.00 16.45
C LEU B 239 -8.25 8.32 15.72
N THR B 240 -9.48 8.81 15.70
CA THR B 240 -9.74 10.13 15.15
C THR B 240 -9.26 11.21 16.13
N THR B 241 -9.10 12.41 15.60
CA THR B 241 -8.61 13.51 16.44
C THR B 241 -9.66 13.88 17.46
N PHE B 242 -10.94 13.87 17.06
CA PHE B 242 -12.01 14.14 18.00
C PHE B 242 -12.08 13.05 19.07
N GLY B 243 -11.98 11.77 18.66
CA GLY B 243 -12.07 10.68 19.61
C GLY B 243 -10.93 10.62 20.62
N ALA B 244 -9.70 10.85 20.14
CA ALA B 244 -8.57 10.81 21.05
C ALA B 244 -8.56 12.03 21.98
N GLN B 245 -8.83 13.21 21.44
CA GLN B 245 -8.84 14.40 22.30
C GLN B 245 -9.98 14.33 23.29
N GLU B 246 -11.07 13.65 22.92
CA GLU B 246 -12.16 13.32 23.83
C GLU B 246 -11.67 12.38 24.92
N LEU B 247 -10.88 11.37 24.55
CA LEU B 247 -10.35 10.45 25.56
C LEU B 247 -9.41 11.16 26.51
N ASN B 248 -8.77 12.23 26.04
CA ASN B 248 -7.78 12.91 26.85
C ASN B 248 -8.43 13.70 27.97
N GLN B 249 -9.73 13.97 27.87
CA GLN B 249 -10.40 14.72 28.91
C GLN B 249 -10.56 13.89 30.19
N TRP B 250 -10.56 12.56 30.09
CA TRP B 250 -10.78 11.74 31.28
C TRP B 250 -9.74 10.65 31.52
N MET B 251 -8.83 10.42 30.57
CA MET B 251 -7.68 9.54 30.80
C MET B 251 -6.56 10.38 31.37
N LYS B 252 -6.47 10.42 32.70
CA LYS B 252 -5.65 11.42 33.37
C LYS B 252 -4.18 11.03 33.40
N THR B 253 -3.33 12.05 33.34
CA THR B 253 -1.88 11.90 33.53
C THR B 253 -1.61 12.08 35.02
N TYR B 254 -1.35 10.96 35.73
CA TYR B 254 -1.30 11.01 37.21
C TYR B 254 0.05 11.51 37.70
N PRO B 255 0.09 12.21 38.83
CA PRO B 255 1.34 12.86 39.25
C PRO B 255 2.36 11.91 39.83
N ASP B 256 1.98 10.71 40.24
CA ASP B 256 2.92 9.72 40.75
C ASP B 256 3.32 8.70 39.70
N VAL B 257 3.06 8.98 38.44
CA VAL B 257 3.38 8.05 37.37
C VAL B 257 4.40 8.72 36.45
N TYR B 258 5.33 7.93 35.92
CA TYR B 258 6.34 8.44 34.99
C TYR B 258 5.85 8.22 33.55
N TYR B 259 5.85 9.29 32.75
CA TYR B 259 5.39 9.22 31.36
C TYR B 259 6.52 9.63 30.40
N LEU B 260 6.71 8.85 29.35
CA LEU B 260 7.75 9.08 28.36
C LEU B 260 7.15 8.89 26.98
N SER B 261 7.41 9.82 26.08
CA SER B 261 6.87 9.68 24.73
C SER B 261 7.95 9.81 23.68
N TYR B 262 7.78 9.03 22.63
CA TYR B 262 8.69 9.00 21.50
C TYR B 262 7.88 9.30 20.26
N THR B 263 8.38 10.22 19.47
CA THR B 263 7.71 10.69 18.27
C THR B 263 8.67 10.49 17.12
N GLY B 264 8.18 9.94 16.02
CA GLY B 264 8.95 9.82 14.80
C GLY B 264 8.49 10.82 13.75
N ASN B 265 9.41 11.17 12.85
CA ASN B 265 9.09 11.97 11.68
C ASN B 265 9.76 11.34 10.46
N ALA B 266 8.97 11.08 9.43
CA ALA B 266 9.49 10.57 8.16
C ALA B 266 8.87 11.34 7.00
N SER B 267 8.70 12.64 7.22
CA SER B 267 8.06 13.56 6.30
C SER B 267 8.95 14.77 6.12
N TYR B 268 8.88 15.40 4.94
CA TYR B 268 9.74 16.55 4.64
C TYR B 268 8.95 17.65 3.96
N ARG B 269 9.29 18.89 4.28
CA ARG B 269 8.56 20.02 3.72
C ARG B 269 8.89 20.20 2.24
N GLY B 270 7.85 20.38 1.43
CA GLY B 270 8.04 20.66 0.02
C GLY B 270 8.32 22.13 -0.19
N VAL B 271 9.32 22.43 -1.03
CA VAL B 271 9.79 23.81 -1.19
C VAL B 271 8.71 24.69 -1.80
N VAL B 272 7.95 24.16 -2.75
CA VAL B 272 6.93 24.93 -3.44
C VAL B 272 5.68 25.00 -2.56
N THR B 273 4.98 23.88 -2.41
CA THR B 273 3.65 23.90 -1.81
C THR B 273 3.70 24.20 -0.32
N GLY B 274 4.76 23.83 0.37
CA GLY B 274 4.77 23.93 1.81
C GLY B 274 4.12 22.76 2.52
N ASN B 275 3.72 21.74 1.79
CA ASN B 275 3.18 20.53 2.35
C ASN B 275 4.32 19.58 2.71
N TYR B 276 3.97 18.49 3.40
CA TYR B 276 4.95 17.48 3.81
C TYR B 276 4.75 16.19 3.01
N TYR B 277 5.86 15.60 2.57
CA TYR B 277 5.83 14.40 1.74
C TYR B 277 6.66 13.31 2.41
N PRO B 278 6.29 12.03 2.22
CA PRO B 278 7.08 10.95 2.81
C PRO B 278 8.50 10.92 2.27
N ILE B 279 9.44 10.51 3.13
CA ILE B 279 10.81 10.25 2.73
C ILE B 279 10.90 8.88 2.06
N GLY B 280 11.92 8.72 1.20
CA GLY B 280 12.07 7.49 0.47
C GLY B 280 12.17 6.23 1.31
N THR B 281 12.64 6.34 2.56
CA THR B 281 12.76 5.14 3.41
C THR B 281 11.44 4.69 4.02
N MET B 282 10.33 5.40 3.80
CA MET B 282 9.05 5.01 4.38
C MET B 282 8.49 3.72 3.79
N HIS B 283 7.99 2.86 4.67
CA HIS B 283 7.29 1.68 4.21
C HIS B 283 6.18 2.07 3.24
N PRO B 284 6.08 1.40 2.09
CA PRO B 284 5.08 1.82 1.10
C PRO B 284 3.66 1.66 1.60
N LEU B 285 3.42 0.87 2.64
CA LEU B 285 2.08 0.81 3.20
C LEU B 285 1.62 2.20 3.65
N PHE B 286 2.54 3.11 3.97
CA PHE B 286 2.19 4.44 4.47
C PHE B 286 2.42 5.59 3.51
N THR B 287 2.88 5.33 2.29
CA THR B 287 3.26 6.42 1.40
C THR B 287 2.07 7.33 1.09
N LEU B 288 0.91 6.74 0.76
CA LEU B 288 -0.23 7.56 0.38
C LEU B 288 -0.85 8.23 1.60
N ILE B 289 -0.97 7.48 2.71
CA ILE B 289 -1.44 8.06 3.95
C ILE B 289 -0.58 9.27 4.30
N SER B 290 0.74 9.13 4.13
CA SER B 290 1.64 10.23 4.44
C SER B 290 1.34 11.43 3.55
N MET B 291 1.13 11.18 2.26
CA MET B 291 0.91 12.28 1.33
C MET B 291 -0.38 13.02 1.70
N GLN B 292 -1.43 12.26 2.00
CA GLN B 292 -2.69 12.88 2.39
C GLN B 292 -2.52 13.68 3.68
N MET B 293 -1.93 13.07 4.71
CA MET B 293 -1.78 13.78 5.98
C MET B 293 -0.87 15.01 5.84
N GLY B 294 0.17 14.91 5.00
CA GLY B 294 1.08 16.02 4.81
C GLY B 294 0.48 17.20 4.07
N SER B 295 -0.76 17.06 3.57
CA SER B 295 -1.42 18.16 2.89
C SER B 295 -2.86 18.37 3.39
N TYR B 296 -3.20 17.89 4.59
CA TYR B 296 -4.58 17.91 5.06
C TYR B 296 -4.78 18.91 6.20
N THR B 297 -5.69 19.86 6.00
CA THR B 297 -6.11 20.76 7.06
C THR B 297 -7.63 20.76 7.18
N ARG B 298 -8.12 21.10 8.38
CA ARG B 298 -9.55 21.07 8.61
C ARG B 298 -9.98 22.25 9.47
N GLN B 299 -10.82 23.09 8.88
CA GLN B 299 -11.46 24.21 9.56
C GLN B 299 -12.60 23.72 10.46
N SER B 300 -13.50 22.90 9.90
CA SER B 300 -14.65 22.36 10.62
C SER B 300 -15.01 21.01 10.03
N PRO B 301 -15.61 20.10 10.84
CA PRO B 301 -15.86 20.22 12.28
C PRO B 301 -14.61 20.15 13.17
N ALA B 302 -14.79 20.49 14.44
CA ALA B 302 -13.67 20.51 15.36
C ALA B 302 -13.23 19.08 15.67
N PRO B 303 -11.99 18.87 16.16
CA PRO B 303 -10.98 19.90 16.46
C PRO B 303 -10.39 20.49 15.19
N VAL B 304 -9.82 21.67 15.31
CA VAL B 304 -9.24 22.34 14.16
C VAL B 304 -7.87 21.74 13.87
N ILE B 305 -7.62 21.43 12.61
CA ILE B 305 -6.37 20.84 12.16
C ILE B 305 -5.66 21.89 11.32
N ASP B 306 -4.63 22.50 11.89
CA ASP B 306 -3.86 23.52 11.18
C ASP B 306 -2.56 22.92 10.64
N ARG B 307 -1.65 23.78 10.18
CA ARG B 307 -0.46 23.32 9.47
C ARG B 307 0.51 22.54 10.35
N SER B 308 0.46 22.71 11.68
CA SER B 308 1.38 21.94 12.52
C SER B 308 1.17 20.44 12.40
N TRP B 309 -0.02 20.00 11.96
CA TRP B 309 -0.34 18.57 11.86
C TRP B 309 0.28 17.91 10.65
N LEU B 310 0.82 18.69 9.70
CA LEU B 310 1.32 18.12 8.46
C LEU B 310 2.50 17.14 8.62
N PRO B 311 3.50 17.40 9.50
CA PRO B 311 4.58 16.39 9.63
C PRO B 311 4.06 15.14 10.32
N ASN B 312 4.49 13.99 9.82
CA ASN B 312 3.96 12.71 10.28
C ASN B 312 4.99 11.61 10.07
N ASP B 313 4.73 10.46 10.70
CA ASP B 313 5.60 9.29 10.57
C ASP B 313 5.06 8.30 9.55
N GLY B 314 4.00 8.65 8.81
CA GLY B 314 3.30 7.72 7.94
C GLY B 314 1.84 7.53 8.31
N ILE B 315 1.51 7.59 9.61
CA ILE B 315 0.13 7.41 10.03
C ILE B 315 -0.21 8.24 11.28
N VAL B 316 0.80 8.80 11.95
CA VAL B 316 0.62 9.61 13.16
C VAL B 316 1.30 10.96 12.97
N ASN B 317 0.56 12.04 13.22
CA ASN B 317 1.11 13.39 13.15
C ASN B 317 2.04 13.65 14.33
N VAL B 318 3.11 14.41 14.07
CA VAL B 318 4.13 14.61 15.10
C VAL B 318 3.53 15.32 16.31
N VAL B 319 2.71 16.35 16.07
CA VAL B 319 2.04 17.07 17.16
C VAL B 319 1.07 16.18 17.93
N SER B 320 0.66 15.04 17.35
CA SER B 320 -0.16 14.10 18.10
C SER B 320 0.69 13.23 19.00
N ALA B 321 1.94 12.93 18.58
CA ALA B 321 2.73 11.92 19.26
C ALA B 321 3.48 12.45 20.48
N LYS B 322 3.63 13.77 20.62
CA LYS B 322 4.51 14.27 21.67
C LYS B 322 3.87 14.14 23.05
N TYR B 323 2.61 14.54 23.18
CA TYR B 323 1.91 14.51 24.46
C TYR B 323 0.43 14.77 24.20
N PRO B 324 -0.45 14.29 25.08
CA PRO B 324 -1.86 14.65 24.95
C PRO B 324 -2.09 16.11 25.31
N PHE B 325 -2.95 16.77 24.54
CA PHE B 325 -3.18 18.19 24.72
C PHE B 325 -3.85 18.46 26.06
N GLY B 326 -3.39 19.51 26.74
CA GLY B 326 -3.89 19.86 28.06
C GLY B 326 -3.15 19.19 29.19
N HIS B 327 -2.43 18.13 28.92
CA HIS B 327 -1.77 17.38 29.97
C HIS B 327 -0.40 17.98 30.27
N PRO B 328 0.07 17.79 31.49
CA PRO B 328 1.43 18.24 31.84
C PRO B 328 2.46 17.57 30.94
N ASN B 329 3.39 18.38 30.42
CA ASN B 329 4.39 17.87 29.49
C ASN B 329 5.59 18.80 29.47
N SER B 330 6.78 18.20 29.37
CA SER B 330 8.05 18.92 29.30
C SER B 330 8.96 18.21 28.29
N PRO B 331 9.64 18.94 27.41
CA PRO B 331 10.61 18.30 26.54
C PRO B 331 11.79 17.81 27.36
N TYR B 332 12.24 16.60 27.06
CA TYR B 332 13.33 16.00 27.81
C TYR B 332 14.57 16.90 27.79
N ASP B 333 15.07 17.23 28.98
CA ASP B 333 16.19 18.16 29.15
C ASP B 333 17.35 17.54 29.94
N GLY B 334 17.37 16.20 30.05
CA GLY B 334 18.41 15.51 30.76
C GLY B 334 17.99 15.01 32.13
N ALA B 335 16.88 15.49 32.65
CA ALA B 335 16.27 14.96 33.86
C ALA B 335 14.85 14.53 33.55
N ILE B 336 14.44 13.38 34.07
CA ILE B 336 13.10 12.87 33.84
C ILE B 336 12.21 13.26 35.03
N LYS B 337 11.16 14.04 34.74
CA LYS B 337 10.21 14.49 35.76
C LYS B 337 9.08 13.48 35.93
N GLN B 338 8.68 13.27 37.18
CA GLN B 338 7.56 12.42 37.48
C GLN B 338 6.27 13.20 37.28
N GLY B 339 5.21 12.51 36.87
CA GLY B 339 3.91 13.14 36.73
C GLY B 339 3.75 14.12 35.60
N VAL B 340 4.68 14.13 34.63
CA VAL B 340 4.53 14.93 33.42
C VAL B 340 5.02 14.08 32.25
N TRP B 341 4.54 14.42 31.06
CA TRP B 341 4.95 13.74 29.84
C TRP B 341 6.35 14.18 29.46
N ASN B 342 7.32 13.28 29.60
CA ASN B 342 8.70 13.56 29.20
C ASN B 342 8.84 13.30 27.71
N SER B 343 8.80 14.39 26.95
CA SER B 343 8.81 14.34 25.49
C SER B 343 10.25 14.32 25.00
N PHE B 344 10.68 13.16 24.46
CA PHE B 344 12.02 13.06 23.87
C PHE B 344 12.06 13.68 22.48
N PRO B 345 13.23 14.18 22.05
CA PRO B 345 13.31 14.88 20.76
C PRO B 345 12.88 14.00 19.60
N VAL B 346 12.13 14.61 18.68
CA VAL B 346 11.61 13.87 17.52
C VAL B 346 12.74 13.11 16.87
N MET B 347 12.49 11.85 16.55
CA MET B 347 13.49 11.02 15.89
C MET B 347 13.29 11.13 14.39
N GLU B 348 14.14 11.92 13.73
CA GLU B 348 14.05 12.08 12.28
C GLU B 348 14.40 10.80 11.54
N GLY B 349 13.60 10.49 10.52
CA GLY B 349 13.81 9.31 9.71
C GLY B 349 13.06 8.07 10.14
N TRP B 350 12.38 8.11 11.29
CA TRP B 350 11.70 6.95 11.82
C TRP B 350 10.27 6.95 11.32
N ASP B 351 9.86 5.92 10.61
CA ASP B 351 8.45 5.84 10.28
C ASP B 351 7.72 5.02 11.35
N HIS B 352 6.40 4.89 11.21
CA HIS B 352 5.57 4.30 12.26
C HIS B 352 6.00 2.88 12.58
N MET B 353 6.29 2.08 11.57
CA MET B 353 6.70 0.69 11.78
C MET B 353 8.18 0.52 12.12
N ASP B 354 9.03 1.54 11.89
CA ASP B 354 10.44 1.41 12.26
C ASP B 354 10.59 1.14 13.75
N PHE B 355 9.64 1.61 14.56
CA PHE B 355 9.77 1.50 16.00
C PHE B 355 9.70 0.05 16.46
N ILE B 356 9.13 -0.84 15.65
CA ILE B 356 8.95 -2.25 16.01
C ILE B 356 9.68 -3.17 15.04
N ASN B 357 10.51 -2.61 14.16
CA ASN B 357 11.31 -3.36 13.19
C ASN B 357 10.43 -4.28 12.33
N PHE B 358 9.33 -3.75 11.86
CA PHE B 358 8.61 -4.42 10.80
C PHE B 358 9.55 -4.60 9.59
N ILE B 359 9.28 -5.64 8.79
CA ILE B 359 10.14 -5.98 7.66
C ILE B 359 10.37 -4.77 6.76
N GLY B 360 11.61 -4.60 6.32
CA GLY B 360 12.00 -3.44 5.55
C GLY B 360 12.28 -2.21 6.38
N SER B 361 12.50 -2.36 7.69
CA SER B 361 12.70 -1.21 8.55
C SER B 361 14.14 -0.71 8.50
N ASN B 362 14.30 0.56 8.87
CA ASN B 362 15.60 1.20 9.10
C ASN B 362 15.49 1.95 10.42
N THR B 363 16.61 2.04 11.14
CA THR B 363 16.63 2.59 12.51
C THR B 363 17.72 3.65 12.61
N PRO B 364 17.50 4.83 12.02
CA PRO B 364 18.54 5.87 12.02
C PRO B 364 19.09 6.17 13.42
N GLY B 365 20.42 6.26 13.50
CA GLY B 365 21.12 6.45 14.75
C GLY B 365 21.51 5.15 15.42
N TYR B 366 21.16 4.01 14.84
CA TYR B 366 21.41 2.72 15.44
C TYR B 366 21.70 1.71 14.33
N PHE B 367 22.45 0.67 14.70
CA PHE B 367 22.73 -0.42 13.78
C PHE B 367 21.58 -1.42 13.75
N SER B 368 20.80 -1.52 14.84
CA SER B 368 19.55 -2.28 14.82
C SER B 368 18.61 -1.73 15.87
N ILE B 369 17.36 -2.21 15.80
CA ILE B 369 16.30 -1.86 16.76
C ILE B 369 16.72 -2.24 18.18
N TYR B 370 17.60 -3.24 18.34
CA TYR B 370 18.10 -3.65 19.64
C TYR B 370 18.88 -2.52 20.33
N GLY B 371 19.52 -1.65 19.55
CA GLY B 371 20.22 -0.54 20.17
C GLY B 371 19.27 0.43 20.82
N TYR B 372 18.20 0.76 20.11
CA TYR B 372 17.22 1.71 20.61
C TYR B 372 16.52 1.16 21.86
N TYR B 373 16.10 -0.11 21.82
CA TYR B 373 15.36 -0.64 22.96
C TYR B 373 16.26 -0.89 24.16
N ASN B 374 17.54 -1.20 23.91
CA ASN B 374 18.56 -1.12 24.93
C ASN B 374 18.46 0.20 25.69
N ASP B 375 18.45 1.31 24.97
CA ASP B 375 18.44 2.61 25.64
C ASP B 375 17.08 2.91 26.26
N VAL B 376 16.01 2.52 25.58
CA VAL B 376 14.68 2.71 26.19
C VAL B 376 14.56 1.89 27.47
N ALA B 377 15.06 0.65 27.45
CA ALA B 377 14.85 -0.24 28.60
C ALA B 377 15.68 0.21 29.80
N ASN B 378 16.99 0.41 29.61
CA ASN B 378 17.83 0.97 30.66
C ASN B 378 17.23 2.30 31.16
N ARG B 379 16.41 2.98 30.33
CA ARG B 379 15.82 4.27 30.74
C ARG B 379 14.67 4.12 31.72
N VAL B 380 13.75 3.18 31.49
CA VAL B 380 12.76 2.92 32.54
C VAL B 380 13.42 2.19 33.69
N HIS B 381 14.46 1.39 33.41
CA HIS B 381 15.18 0.70 34.48
C HIS B 381 15.74 1.71 35.48
N SER B 382 16.16 2.87 34.98
CA SER B 382 16.80 3.90 35.78
C SER B 382 15.86 4.70 36.67
N LEU B 383 14.53 4.47 36.61
CA LEU B 383 13.59 5.31 37.34
C LEU B 383 13.56 4.93 38.82
N PRO B 384 13.63 5.89 39.74
CA PRO B 384 13.70 5.56 41.18
C PRO B 384 12.36 5.10 41.75
N LYS B 385 12.45 4.21 42.74
CA LYS B 385 11.27 3.77 43.48
C LYS B 385 10.76 4.84 44.45
#